data_4OFI
#
_entry.id   4OFI
#
_cell.length_a   74.330
_cell.length_b   84.358
_cell.length_c   82.633
_cell.angle_alpha   90.00
_cell.angle_beta   115.27
_cell.angle_gamma   90.00
#
_symmetry.space_group_name_H-M   'P 1 21 1'
#
loop_
_entity.id
_entity.type
_entity.pdbx_description
1 polymer 'Kin of irre, isoform A'
2 non-polymer 'SODIUM ION'
3 non-polymer 2-acetamido-2-deoxy-beta-D-glucopyranose
4 water water
#
_entity_poly.entity_id   1
_entity_poly.type   'polypeptide(L)'
_entity_poly.pdbx_seq_one_letter_code
;ADPGQHFAMEPQDQTAVVGSRVTLPCRVMEKVGALQWTKDDFGLGQHRNLSGFERYSMVGSDEEGDFSLDIYPLMLDDDA
KYQCQVGPGPQGEQGIRSRFAKLTVLVPHHHHHHH
;
_entity_poly.pdbx_strand_id   A,B,C,D,E,F,G,H
#
loop_
_chem_comp.id
_chem_comp.type
_chem_comp.name
_chem_comp.formula
NA non-polymer 'SODIUM ION' 'Na 1'
NAG D-saccharide, beta linking 2-acetamido-2-deoxy-beta-D-glucopyranose 'C8 H15 N O6'
#
# COMPACT_ATOMS: atom_id res chain seq x y z
N GLY A 4 -13.93 26.22 6.10
CA GLY A 4 -13.10 26.49 7.26
C GLY A 4 -11.68 26.91 6.89
N GLN A 5 -10.78 26.86 7.86
CA GLN A 5 -9.40 27.25 7.62
C GLN A 5 -8.71 26.27 6.66
N HIS A 6 -7.88 26.81 5.77
CA HIS A 6 -7.20 26.00 4.76
C HIS A 6 -5.93 26.71 4.28
N PHE A 7 -5.04 25.95 3.65
CA PHE A 7 -3.80 26.50 3.14
C PHE A 7 -3.99 27.11 1.76
N ALA A 8 -3.45 28.31 1.56
CA ALA A 8 -3.38 28.92 0.24
C ALA A 8 -1.97 28.75 -0.32
N MET A 9 -1.03 28.50 0.58
CA MET A 9 0.35 28.15 0.22
C MET A 9 0.93 27.16 1.20
N GLU A 10 1.65 26.19 0.66
CA GLU A 10 2.33 25.19 1.48
C GLU A 10 3.82 25.19 1.17
N PRO A 11 4.63 24.78 2.15
CA PRO A 11 6.08 24.77 1.92
C PRO A 11 6.52 23.66 0.97
N GLN A 12 7.48 23.97 0.11
CA GLN A 12 8.05 22.96 -0.78
C GLN A 12 9.51 22.72 -0.48
N ASP A 13 10.07 21.66 -1.03
CA ASP A 13 11.47 21.33 -0.80
C ASP A 13 12.39 22.46 -1.29
N GLN A 14 13.37 22.80 -0.47
CA GLN A 14 14.36 23.80 -0.86
C GLN A 14 15.76 23.29 -0.57
N THR A 15 16.70 23.72 -1.39
CA THR A 15 18.11 23.48 -1.14
C THR A 15 18.77 24.85 -1.06
N ALA A 16 19.54 25.08 0.00
CA ALA A 16 20.20 26.36 0.20
C ALA A 16 21.54 26.19 0.90
N VAL A 17 22.39 27.21 0.79
CA VAL A 17 23.75 27.16 1.31
C VAL A 17 23.83 27.83 2.68
N VAL A 18 24.67 27.31 3.56
CA VAL A 18 24.93 27.94 4.84
C VAL A 18 25.21 29.44 4.67
N GLY A 19 24.63 30.26 5.55
CA GLY A 19 24.85 31.69 5.51
C GLY A 19 23.73 32.46 4.85
N SER A 20 22.94 31.76 4.04
CA SER A 20 21.89 32.43 3.28
C SER A 20 20.58 32.57 4.06
N ARG A 21 19.60 33.23 3.45
CA ARG A 21 18.26 33.28 4.02
C ARG A 21 17.38 32.27 3.32
N VAL A 22 16.54 31.61 4.11
CA VAL A 22 15.56 30.67 3.60
C VAL A 22 14.20 30.98 4.21
N THR A 23 13.20 31.12 3.35
CA THR A 23 11.84 31.33 3.80
C THR A 23 10.94 30.20 3.31
N LEU A 24 10.36 29.46 4.25
CA LEU A 24 9.42 28.39 3.92
C LEU A 24 8.00 28.94 4.00
N PRO A 25 7.29 28.96 2.86
CA PRO A 25 5.99 29.62 2.80
C PRO A 25 4.87 28.85 3.49
N CYS A 26 4.04 29.57 4.23
CA CYS A 26 2.80 29.02 4.72
C CYS A 26 1.76 30.13 4.80
N ARG A 27 0.65 29.92 4.10
CA ARG A 27 -0.44 30.88 4.12
C ARG A 27 -1.74 30.16 4.42
N VAL A 28 -2.49 30.71 5.36
CA VAL A 28 -3.75 30.12 5.79
C VAL A 28 -4.89 31.12 5.67
N MET A 29 -5.91 30.76 4.90
CA MET A 29 -7.08 31.61 4.75
C MET A 29 -8.11 31.19 5.79
N GLU A 30 -8.87 32.16 6.28
CA GLU A 30 -9.94 31.92 7.25
C GLU A 30 -9.40 31.20 8.49
N LYS A 31 -8.16 31.51 8.84
CA LYS A 31 -7.50 30.93 10.01
C LYS A 31 -8.30 31.16 11.29
N VAL A 32 -8.47 30.10 12.06
CA VAL A 32 -9.21 30.18 13.31
C VAL A 32 -8.36 29.69 14.48
N GLY A 33 -7.49 28.72 14.22
CA GLY A 33 -6.67 28.14 15.26
C GLY A 33 -5.27 28.73 15.33
N ALA A 34 -4.47 28.22 16.26
CA ALA A 34 -3.10 28.68 16.43
C ALA A 34 -2.17 27.95 15.48
N LEU A 35 -1.35 28.71 14.77
CA LEU A 35 -0.44 28.14 13.79
C LEU A 35 0.91 27.86 14.41
N GLN A 36 1.55 26.78 13.97
CA GLN A 36 2.86 26.39 14.47
C GLN A 36 3.60 25.56 13.43
N TRP A 37 4.91 25.77 13.33
CA TRP A 37 5.75 24.95 12.47
C TRP A 37 6.37 23.81 13.27
N THR A 38 6.61 22.67 12.61
CA THR A 38 7.45 21.64 13.22
C THR A 38 8.71 21.43 12.40
N LYS A 39 9.80 21.13 13.10
CA LYS A 39 11.08 20.84 12.49
C LYS A 39 11.49 19.45 12.97
N ASP A 40 11.52 18.51 12.04
CA ASP A 40 11.64 17.09 12.39
C ASP A 40 10.65 16.73 13.52
N ASP A 41 9.41 17.17 13.36
CA ASP A 41 8.34 16.87 14.32
C ASP A 41 8.52 17.50 15.70
N PHE A 42 9.35 18.54 15.77
CA PHE A 42 9.50 19.29 17.01
C PHE A 42 8.83 20.65 16.83
N GLY A 43 7.86 20.96 17.69
CA GLY A 43 7.14 22.22 17.59
C GLY A 43 8.05 23.40 17.88
N LEU A 44 8.12 24.33 16.94
CA LEU A 44 9.01 25.48 17.05
C LEU A 44 8.43 26.61 17.91
N GLY A 45 7.12 26.60 18.11
CA GLY A 45 6.48 27.62 18.92
C GLY A 45 5.33 28.30 18.21
N GLN A 46 4.46 28.94 18.97
CA GLN A 46 3.23 29.48 18.40
C GLN A 46 3.23 31.00 18.33
N HIS A 47 4.40 31.60 18.56
CA HIS A 47 4.53 33.05 18.42
C HIS A 47 5.49 33.42 17.30
N ARG A 48 5.21 34.53 16.63
CA ARG A 48 6.02 34.94 15.48
C ARG A 48 7.51 35.05 15.80
N ASN A 49 7.84 35.52 17.00
CA ASN A 49 9.24 35.63 17.37
C ASN A 49 9.95 34.30 17.62
N LEU A 50 9.17 33.24 17.88
CA LEU A 50 9.73 31.91 18.12
C LEU A 50 10.94 31.96 19.06
N SER A 51 10.71 32.37 20.30
CA SER A 51 11.78 32.41 21.30
C SER A 51 12.39 31.03 21.49
N GLY A 52 13.70 30.98 21.72
CA GLY A 52 14.40 29.71 21.84
C GLY A 52 15.06 29.33 20.54
N PHE A 53 14.48 29.79 19.43
CA PHE A 53 15.08 29.59 18.11
C PHE A 53 15.54 30.93 17.55
N GLU A 54 16.70 31.37 17.99
CA GLU A 54 17.17 32.74 17.79
C GLU A 54 17.32 33.18 16.33
N ARG A 55 17.45 32.24 15.41
CA ARG A 55 17.60 32.56 13.99
C ARG A 55 16.30 32.36 13.20
N TYR A 56 15.25 31.90 13.85
CA TYR A 56 13.97 31.64 13.17
C TYR A 56 12.93 32.69 13.57
N SER A 57 12.07 33.04 12.63
CA SER A 57 10.88 33.82 12.97
C SER A 57 9.78 33.53 11.97
N MET A 58 8.55 33.93 12.30
CA MET A 58 7.44 33.78 11.36
C MET A 58 7.07 35.13 10.78
N VAL A 59 7.24 35.25 9.47
CA VAL A 59 7.06 36.52 8.78
C VAL A 59 5.75 36.58 8.01
N GLY A 60 5.31 37.79 7.72
CA GLY A 60 4.09 38.01 6.96
C GLY A 60 3.05 38.74 7.79
N SER A 61 1.95 39.09 7.15
CA SER A 61 0.86 39.79 7.81
C SER A 61 -0.26 38.82 8.20
N ASP A 62 -0.86 39.05 9.36
CA ASP A 62 -2.00 38.26 9.81
C ASP A 62 -3.15 38.39 8.83
N GLU A 63 -3.25 39.57 8.21
CA GLU A 63 -4.35 39.88 7.29
C GLU A 63 -4.24 39.09 5.99
N GLU A 64 -3.07 38.51 5.74
CA GLU A 64 -2.90 37.63 4.59
C GLU A 64 -2.64 36.21 5.05
N GLY A 65 -2.91 35.95 6.33
CA GLY A 65 -2.70 34.64 6.90
C GLY A 65 -1.32 34.09 6.58
N ASP A 66 -0.36 35.01 6.43
CA ASP A 66 1.00 34.62 6.07
C ASP A 66 1.85 34.41 7.32
N PHE A 67 2.26 33.16 7.52
CA PHE A 67 3.09 32.81 8.68
C PHE A 67 4.29 31.99 8.21
N SER A 68 4.90 32.41 7.12
CA SER A 68 6.03 31.69 6.54
C SER A 68 7.21 31.64 7.49
N LEU A 69 7.99 30.56 7.42
CA LEU A 69 9.08 30.36 8.36
C LEU A 69 10.36 30.95 7.82
N ASP A 70 10.84 32.00 8.47
CA ASP A 70 12.01 32.73 8.00
C ASP A 70 13.26 32.28 8.75
N ILE A 71 14.28 31.85 8.01
CA ILE A 71 15.53 31.41 8.62
C ILE A 71 16.74 32.18 8.08
N TYR A 72 17.48 32.82 8.99
CA TYR A 72 18.70 33.54 8.62
C TYR A 72 19.53 33.85 9.87
N PRO A 73 20.84 33.57 9.82
CA PRO A 73 21.52 32.92 8.70
C PRO A 73 21.36 31.41 8.76
N LEU A 74 21.18 30.79 7.61
CA LEU A 74 21.01 29.34 7.53
C LEU A 74 22.23 28.60 8.08
N MET A 75 21.99 27.55 8.87
CA MET A 75 23.05 26.71 9.39
C MET A 75 22.77 25.25 9.08
N LEU A 76 23.81 24.42 9.11
CA LEU A 76 23.68 22.99 8.82
C LEU A 76 22.67 22.32 9.76
N ASP A 77 22.49 22.93 10.92
CA ASP A 77 21.54 22.45 11.92
C ASP A 77 20.10 22.51 11.39
N ASP A 78 19.87 23.36 10.40
CA ASP A 78 18.52 23.60 9.89
C ASP A 78 18.10 22.56 8.84
N ASP A 79 19.04 21.71 8.45
CA ASP A 79 18.74 20.65 7.51
C ASP A 79 17.75 19.68 8.15
N ALA A 80 16.48 19.78 7.77
CA ALA A 80 15.45 18.96 8.37
C ALA A 80 14.15 18.98 7.56
N LYS A 81 13.14 18.31 8.11
CA LYS A 81 11.82 18.25 7.51
C LYS A 81 10.90 19.19 8.27
N TYR A 82 10.11 19.98 7.54
CA TYR A 82 9.30 21.03 8.16
C TYR A 82 7.82 20.88 7.81
N GLN A 83 6.96 21.15 8.78
CA GLN A 83 5.53 21.15 8.52
C GLN A 83 4.86 22.36 9.14
N CYS A 84 3.90 22.91 8.42
CA CYS A 84 3.10 24.00 8.94
C CYS A 84 1.78 23.45 9.46
N GLN A 85 1.45 23.76 10.72
CA GLN A 85 0.23 23.23 11.33
C GLN A 85 -0.65 24.35 11.86
N VAL A 86 -1.95 24.15 11.82
CA VAL A 86 -2.86 25.05 12.49
C VAL A 86 -3.76 24.24 13.40
N GLY A 87 -3.83 24.61 14.67
CA GLY A 87 -4.65 23.91 15.64
C GLY A 87 -6.13 24.15 15.41
N PRO A 88 -6.99 23.38 16.10
CA PRO A 88 -8.44 23.48 16.01
C PRO A 88 -8.94 24.84 16.50
N GLY A 89 -10.07 25.28 15.99
CA GLY A 89 -10.66 26.53 16.43
C GLY A 89 -11.43 26.32 17.72
N PRO A 90 -11.90 27.42 18.33
CA PRO A 90 -12.67 27.35 19.59
C PRO A 90 -14.09 26.85 19.38
N GLN A 91 -14.50 26.72 18.13
CA GLN A 91 -15.88 26.34 17.81
C GLN A 91 -15.95 24.97 17.12
N GLY A 92 -14.90 24.17 17.28
CA GLY A 92 -14.89 22.82 16.74
C GLY A 92 -14.09 22.67 15.46
N GLU A 93 -13.87 23.79 14.78
CA GLU A 93 -13.12 23.78 13.53
C GLU A 93 -11.88 22.90 13.68
N GLN A 94 -11.72 21.93 12.78
CA GLN A 94 -10.59 21.02 12.88
C GLN A 94 -9.28 21.65 12.43
N GLY A 95 -8.18 21.22 13.05
CA GLY A 95 -6.86 21.69 12.67
C GLY A 95 -6.45 21.13 11.32
N ILE A 96 -5.39 21.69 10.76
CA ILE A 96 -4.87 21.22 9.48
C ILE A 96 -3.36 21.07 9.50
N ARG A 97 -2.83 20.30 8.56
CA ARG A 97 -1.38 20.11 8.45
C ARG A 97 -0.95 20.22 6.99
N SER A 98 0.13 20.97 6.75
CA SER A 98 0.64 21.11 5.40
C SER A 98 1.39 19.86 5.00
N ARG A 99 1.80 19.80 3.74
CA ARG A 99 2.75 18.79 3.31
C ARG A 99 4.06 19.03 4.05
N PHE A 100 4.89 17.99 4.13
CA PHE A 100 6.22 18.15 4.72
C PHE A 100 7.17 18.71 3.67
N ALA A 101 7.95 19.71 4.04
CA ALA A 101 8.98 20.22 3.14
C ALA A 101 10.34 19.85 3.68
N LYS A 102 11.16 19.24 2.84
CA LYS A 102 12.53 18.91 3.21
C LYS A 102 13.49 20.06 2.86
N LEU A 103 14.14 20.61 3.88
CA LEU A 103 15.13 21.66 3.68
C LEU A 103 16.52 21.05 3.73
N THR A 104 17.23 21.12 2.61
CA THR A 104 18.60 20.60 2.53
C THR A 104 19.62 21.73 2.56
N VAL A 105 20.53 21.69 3.53
CA VAL A 105 21.54 22.73 3.68
C VAL A 105 22.91 22.24 3.21
N LEU A 106 23.56 23.05 2.38
CA LEU A 106 24.89 22.71 1.87
C LEU A 106 25.93 23.66 2.46
N VAL A 107 27.18 23.22 2.51
CA VAL A 107 28.28 24.11 2.87
C VAL A 107 28.74 24.85 1.62
N PRO A 108 29.29 26.07 1.79
CA PRO A 108 29.80 26.82 0.64
C PRO A 108 30.85 26.03 -0.13
N GLY B 4 21.27 20.97 33.64
CA GLY B 4 20.43 21.31 32.51
C GLY B 4 19.03 20.75 32.66
N GLN B 5 18.13 21.15 31.78
CA GLN B 5 16.76 20.67 31.83
C GLN B 5 16.69 19.21 31.40
N HIS B 6 15.85 18.42 32.09
CA HIS B 6 15.79 16.98 31.83
C HIS B 6 14.52 16.38 32.42
N PHE B 7 14.16 15.20 31.92
CA PHE B 7 12.95 14.54 32.36
C PHE B 7 13.17 13.78 33.65
N ALA B 8 12.32 14.04 34.64
CA ALA B 8 12.29 13.26 35.86
C ALA B 8 11.36 12.06 35.65
N MET B 9 10.47 12.19 34.66
CA MET B 9 9.52 11.14 34.33
C MET B 9 9.04 11.28 32.89
N GLU B 10 9.01 10.15 32.17
CA GLU B 10 8.57 10.12 30.77
C GLU B 10 7.38 9.19 30.57
N PRO B 11 6.51 9.52 29.60
CA PRO B 11 5.31 8.71 29.33
C PRO B 11 5.63 7.28 28.88
N GLN B 12 4.73 6.36 29.19
CA GLN B 12 4.88 4.95 28.83
C GLN B 12 3.67 4.52 28.00
N ASP B 13 3.83 3.47 27.21
CA ASP B 13 2.70 2.92 26.44
C ASP B 13 1.55 2.59 27.37
N GLN B 14 0.33 2.93 26.94
CA GLN B 14 -0.86 2.66 27.74
C GLN B 14 -1.98 2.12 26.87
N THR B 15 -2.80 1.27 27.46
CA THR B 15 -4.04 0.80 26.85
C THR B 15 -5.18 1.18 27.78
N ALA B 16 -6.22 1.80 27.23
CA ALA B 16 -7.35 2.21 28.06
C ALA B 16 -8.67 2.04 27.32
N VAL B 17 -9.77 2.17 28.04
CA VAL B 17 -11.09 1.97 27.48
C VAL B 17 -11.75 3.30 27.19
N VAL B 18 -12.40 3.38 26.03
CA VAL B 18 -13.19 4.57 25.68
C VAL B 18 -14.04 5.04 26.85
N GLY B 19 -14.09 6.36 27.04
CA GLY B 19 -14.93 6.95 28.07
C GLY B 19 -14.19 7.23 29.36
N SER B 20 -12.99 6.70 29.49
CA SER B 20 -12.23 6.85 30.74
C SER B 20 -11.30 8.07 30.71
N ARG B 21 -10.70 8.40 31.86
CA ARG B 21 -9.63 9.38 31.88
C ARG B 21 -8.29 8.68 31.79
N VAL B 22 -7.41 9.23 30.95
CA VAL B 22 -6.04 8.74 30.86
C VAL B 22 -5.07 9.85 31.22
N THR B 23 -3.96 9.49 31.86
CA THR B 23 -2.93 10.47 32.17
C THR B 23 -1.61 9.99 31.60
N LEU B 24 -1.04 10.79 30.69
CA LEU B 24 0.30 10.54 30.18
C LEU B 24 1.26 11.38 31.00
N PRO B 25 2.14 10.71 31.76
CA PRO B 25 3.05 11.38 32.69
C PRO B 25 4.17 12.11 31.97
N CYS B 26 4.47 13.32 32.42
CA CYS B 26 5.68 14.01 32.02
C CYS B 26 6.12 14.96 33.10
N ARG B 27 7.28 14.68 33.69
CA ARG B 27 7.83 15.57 34.71
C ARG B 27 9.21 16.05 34.29
N VAL B 28 9.42 17.37 34.39
CA VAL B 28 10.67 17.97 33.97
C VAL B 28 11.36 18.70 35.11
N MET B 29 12.65 18.41 35.30
CA MET B 29 13.45 19.13 36.27
C MET B 29 14.22 20.26 35.58
N GLU B 30 14.38 21.38 36.29
CA GLU B 30 15.13 22.51 35.77
C GLU B 30 14.62 22.97 34.40
N LYS B 31 13.30 23.01 34.24
CA LYS B 31 12.72 23.42 32.97
C LYS B 31 13.12 24.85 32.64
N VAL B 32 13.72 25.04 31.47
CA VAL B 32 14.06 26.38 31.01
C VAL B 32 13.21 26.78 29.81
N GLY B 33 12.99 25.83 28.89
CA GLY B 33 12.23 26.11 27.68
C GLY B 33 10.72 25.95 27.85
N ALA B 34 9.98 26.23 26.78
CA ALA B 34 8.53 26.06 26.78
C ALA B 34 8.19 24.60 26.50
N LEU B 35 7.20 24.08 27.20
CA LEU B 35 6.83 22.68 27.08
C LEU B 35 5.58 22.46 26.22
N GLN B 36 5.56 21.36 25.49
CA GLN B 36 4.44 21.03 24.62
C GLN B 36 4.37 19.53 24.40
N TRP B 37 3.16 18.99 24.24
CA TRP B 37 2.96 17.60 23.83
C TRP B 37 2.69 17.54 22.34
N THR B 38 3.19 16.49 21.69
CA THR B 38 2.74 16.18 20.33
C THR B 38 1.87 14.93 20.31
N LYS B 39 0.88 14.93 19.44
CA LYS B 39 0.06 13.75 19.18
C LYS B 39 0.17 13.43 17.70
N ASP B 40 0.67 12.26 17.38
CA ASP B 40 1.06 11.95 16.01
C ASP B 40 1.85 13.13 15.42
N ASP B 41 2.76 13.69 16.21
CA ASP B 41 3.64 14.76 15.76
C ASP B 41 2.92 16.09 15.52
N PHE B 42 1.69 16.21 16.00
CA PHE B 42 0.97 17.47 15.92
C PHE B 42 1.04 18.16 17.29
N GLY B 43 1.51 19.40 17.30
CA GLY B 43 1.66 20.17 18.52
C GLY B 43 0.35 20.55 19.16
N LEU B 44 0.16 20.15 20.41
CA LEU B 44 -1.10 20.38 21.11
C LEU B 44 -1.20 21.78 21.71
N GLY B 45 -0.05 22.41 21.97
CA GLY B 45 -0.05 23.75 22.53
C GLY B 45 0.98 23.95 23.62
N GLN B 46 1.56 25.14 23.69
CA GLN B 46 2.56 25.44 24.71
C GLN B 46 1.91 26.06 25.93
N HIS B 47 2.67 26.12 27.03
CA HIS B 47 2.23 26.79 28.25
C HIS B 47 0.84 26.34 28.71
N ARG B 48 0.58 25.04 28.62
CA ARG B 48 -0.69 24.46 29.07
C ARG B 48 -1.90 24.94 28.29
N ASN B 49 -1.68 25.81 27.31
CA ASN B 49 -2.79 26.32 26.51
C ASN B 49 -3.14 25.36 25.38
N LEU B 50 -4.21 24.58 25.59
CA LEU B 50 -4.63 23.57 24.64
C LEU B 50 -5.95 23.93 23.96
N SER B 51 -6.05 25.18 23.53
CA SER B 51 -7.25 25.70 22.87
C SER B 51 -7.69 24.79 21.73
N GLY B 52 -8.98 24.46 21.72
CA GLY B 52 -9.53 23.64 20.64
C GLY B 52 -9.55 22.16 20.99
N PHE B 53 -8.71 21.75 21.94
CA PHE B 53 -8.73 20.38 22.44
C PHE B 53 -9.46 20.33 23.77
N GLU B 54 -10.78 20.26 23.69
CA GLU B 54 -11.64 20.38 24.87
C GLU B 54 -11.55 19.21 25.84
N ARG B 55 -10.89 18.12 25.43
CA ARG B 55 -10.79 16.94 26.27
C ARG B 55 -9.38 16.72 26.79
N TYR B 56 -8.45 17.60 26.39
CA TYR B 56 -7.08 17.53 26.89
C TYR B 56 -6.83 18.68 27.87
N SER B 57 -6.00 18.41 28.88
CA SER B 57 -5.65 19.43 29.87
C SER B 57 -4.32 19.07 30.52
N MET B 58 -3.72 20.05 31.21
CA MET B 58 -2.44 19.86 31.88
C MET B 58 -2.50 20.61 33.21
N VAL B 59 -3.15 20.00 34.20
CA VAL B 59 -3.49 20.71 35.42
C VAL B 59 -2.41 20.71 36.50
N GLY B 60 -1.32 20.00 36.27
CA GLY B 60 -0.22 19.98 37.22
C GLY B 60 0.39 21.35 37.51
N SER B 61 1.27 21.42 38.51
CA SER B 61 1.90 22.70 38.90
C SER B 61 3.33 22.83 38.38
N ASP B 62 3.72 24.06 38.09
CA ASP B 62 5.07 24.35 37.56
C ASP B 62 6.17 23.97 38.55
N GLU B 63 5.93 24.26 39.83
CA GLU B 63 6.92 23.99 40.88
C GLU B 63 7.35 22.53 40.89
N GLU B 64 6.36 21.63 40.83
CA GLU B 64 6.64 20.18 40.81
C GLU B 64 7.21 19.75 39.47
N GLY B 65 7.06 20.59 38.46
CA GLY B 65 7.45 20.22 37.11
C GLY B 65 6.47 19.22 36.52
N ASP B 66 5.24 19.24 37.04
CA ASP B 66 4.20 18.33 36.58
C ASP B 66 3.56 18.86 35.30
N PHE B 67 3.81 18.17 34.19
CA PHE B 67 3.28 18.61 32.92
C PHE B 67 2.57 17.46 32.21
N SER B 68 2.05 16.55 33.02
CA SER B 68 1.31 15.41 32.52
C SER B 68 0.11 15.87 31.70
N LEU B 69 -0.22 15.07 30.69
CA LEU B 69 -1.36 15.30 29.84
C LEU B 69 -2.54 14.42 30.30
N ASP B 70 -3.66 15.05 30.66
CA ASP B 70 -4.89 14.33 30.96
C ASP B 70 -5.84 14.37 29.78
N ILE B 71 -6.48 13.24 29.50
CA ILE B 71 -7.46 13.11 28.43
C ILE B 71 -8.77 12.54 28.98
N TYR B 72 -9.88 13.24 28.77
CA TYR B 72 -11.15 12.74 29.26
C TYR B 72 -12.33 13.45 28.60
N PRO B 73 -13.32 12.68 28.12
CA PRO B 73 -13.33 11.21 28.13
C PRO B 73 -12.56 10.64 26.96
N LEU B 74 -11.88 9.52 27.16
CA LEU B 74 -11.09 8.91 26.10
C LEU B 74 -11.97 8.53 24.90
N MET B 75 -11.51 8.87 23.70
CA MET B 75 -12.21 8.50 22.47
C MET B 75 -11.25 7.79 21.51
N LEU B 76 -11.81 7.14 20.50
CA LEU B 76 -11.00 6.41 19.53
C LEU B 76 -9.97 7.29 18.84
N ASP B 77 -10.34 8.54 18.58
CA ASP B 77 -9.45 9.48 17.91
C ASP B 77 -8.17 9.75 18.73
N ASP B 78 -8.18 9.40 20.01
CA ASP B 78 -7.01 9.62 20.86
C ASP B 78 -5.99 8.51 20.70
N ASP B 79 -6.35 7.47 19.98
CA ASP B 79 -5.42 6.37 19.72
C ASP B 79 -4.27 6.89 18.86
N ALA B 80 -3.13 7.14 19.50
CA ALA B 80 -2.00 7.72 18.78
C ALA B 80 -0.70 7.60 19.55
N LYS B 81 0.33 8.23 18.99
CA LYS B 81 1.65 8.29 19.58
C LYS B 81 1.90 9.69 20.14
N TYR B 82 2.34 9.75 21.39
CA TYR B 82 2.50 11.01 22.10
C TYR B 82 3.94 11.23 22.57
N GLN B 83 4.39 12.47 22.49
CA GLN B 83 5.73 12.81 22.98
C GLN B 83 5.72 14.12 23.77
N CYS B 84 6.49 14.17 24.85
CA CYS B 84 6.63 15.38 25.65
C CYS B 84 7.85 16.16 25.19
N GLN B 85 7.66 17.42 24.82
CA GLN B 85 8.75 18.22 24.28
C GLN B 85 9.00 19.50 25.07
N VAL B 86 10.29 19.83 25.25
CA VAL B 86 10.68 21.08 25.88
C VAL B 86 11.60 21.84 24.95
N GLY B 87 11.25 23.08 24.64
CA GLY B 87 12.04 23.90 23.76
C GLY B 87 13.33 24.37 24.41
N PRO B 88 14.20 25.02 23.63
CA PRO B 88 15.49 25.55 24.08
C PRO B 88 15.32 26.69 25.05
N GLY B 89 16.28 26.87 25.95
CA GLY B 89 16.25 27.99 26.87
C GLY B 89 16.72 29.25 26.19
N PRO B 90 16.50 30.41 26.83
CA PRO B 90 16.97 31.68 26.28
C PRO B 90 18.49 31.81 26.39
N GLN B 91 19.11 30.99 27.23
CA GLN B 91 20.55 31.08 27.47
C GLN B 91 21.35 30.05 26.65
N GLY B 92 20.71 29.46 25.65
CA GLY B 92 21.39 28.49 24.80
C GLY B 92 21.14 27.05 25.20
N GLU B 93 20.35 26.86 26.27
CA GLU B 93 20.01 25.52 26.72
C GLU B 93 19.27 24.77 25.62
N GLN B 94 19.74 23.56 25.30
CA GLN B 94 19.09 22.75 24.26
C GLN B 94 17.74 22.20 24.71
N GLY B 95 16.86 21.97 23.74
CA GLY B 95 15.56 21.37 24.02
C GLY B 95 15.66 19.87 24.21
N ILE B 96 14.61 19.27 24.76
CA ILE B 96 14.62 17.81 24.99
C ILE B 96 13.33 17.15 24.53
N ARG B 97 13.43 15.88 24.18
CA ARG B 97 12.29 15.09 23.72
C ARG B 97 12.21 13.76 24.45
N SER B 98 11.05 13.48 25.04
CA SER B 98 10.82 12.22 25.74
C SER B 98 10.64 11.10 24.73
N ARG B 99 10.64 9.86 25.20
CA ARG B 99 10.28 8.74 24.35
C ARG B 99 8.87 8.98 23.84
N PHE B 100 8.53 8.35 22.72
CA PHE B 100 7.15 8.32 22.24
C PHE B 100 6.39 7.26 23.04
N ALA B 101 5.16 7.58 23.44
CA ALA B 101 4.31 6.62 24.13
C ALA B 101 3.09 6.30 23.28
N LYS B 102 2.86 5.01 23.03
CA LYS B 102 1.72 4.59 22.23
C LYS B 102 0.49 4.39 23.11
N LEU B 103 -0.50 5.24 22.89
CA LEU B 103 -1.79 5.13 23.58
C LEU B 103 -2.77 4.33 22.72
N THR B 104 -3.18 3.18 23.25
CA THR B 104 -4.09 2.27 22.56
C THR B 104 -5.48 2.38 23.17
N VAL B 105 -6.49 2.56 22.33
CA VAL B 105 -7.86 2.71 22.81
C VAL B 105 -8.75 1.50 22.47
N LEU B 106 -9.34 0.91 23.50
CA LEU B 106 -10.20 -0.27 23.33
C LEU B 106 -11.67 0.06 23.51
N VAL B 107 -12.52 -0.70 22.84
CA VAL B 107 -13.95 -0.59 23.02
C VAL B 107 -14.53 -1.91 23.51
N PRO B 108 -15.25 -1.87 24.65
CA PRO B 108 -15.87 -3.08 25.21
C PRO B 108 -17.17 -3.45 24.50
N GLY C 4 -17.63 17.07 16.15
CA GLY C 4 -18.72 16.58 15.35
C GLY C 4 -18.77 15.05 15.26
N GLN C 5 -19.10 14.54 14.08
CA GLN C 5 -19.15 13.09 13.88
C GLN C 5 -17.80 12.45 14.20
N HIS C 6 -17.84 11.26 14.80
CA HIS C 6 -16.64 10.54 15.18
C HIS C 6 -16.99 9.07 15.37
N PHE C 7 -15.99 8.20 15.36
CA PHE C 7 -16.24 6.77 15.48
C PHE C 7 -16.33 6.34 16.95
N ALA C 8 -17.38 5.57 17.26
CA ALA C 8 -17.47 4.88 18.55
C ALA C 8 -16.92 3.47 18.42
N MET C 9 -16.93 2.95 17.19
CA MET C 9 -16.36 1.66 16.87
C MET C 9 -15.73 1.65 15.48
N GLU C 10 -14.58 0.99 15.36
CA GLU C 10 -13.88 0.90 14.09
C GLU C 10 -13.53 -0.55 13.79
N PRO C 11 -13.50 -0.93 12.50
CA PRO C 11 -13.25 -2.33 12.13
C PRO C 11 -11.85 -2.79 12.51
N GLN C 12 -11.72 -4.02 13.01
CA GLN C 12 -10.42 -4.61 13.30
C GLN C 12 -10.12 -5.72 12.30
N ASP C 13 -8.87 -6.15 12.24
CA ASP C 13 -8.51 -7.29 11.40
C ASP C 13 -9.32 -8.53 11.75
N GLN C 14 -9.78 -9.25 10.74
CA GLN C 14 -10.44 -10.53 10.96
C GLN C 14 -9.90 -11.62 10.04
N THR C 15 -9.86 -12.83 10.59
CA THR C 15 -9.59 -14.04 9.84
C THR C 15 -10.81 -14.93 9.98
N ALA C 16 -11.31 -15.47 8.88
CA ALA C 16 -12.50 -16.31 8.92
C ALA C 16 -12.52 -17.30 7.77
N VAL C 17 -13.28 -18.38 7.94
CA VAL C 17 -13.38 -19.43 6.93
C VAL C 17 -14.52 -19.13 5.98
N VAL C 18 -14.35 -19.49 4.71
CA VAL C 18 -15.40 -19.36 3.73
C VAL C 18 -16.69 -20.02 4.20
N GLY C 19 -17.83 -19.45 3.82
CA GLY C 19 -19.12 -19.97 4.21
C GLY C 19 -19.67 -19.34 5.48
N SER C 20 -18.81 -18.69 6.25
CA SER C 20 -19.22 -18.10 7.51
C SER C 20 -19.73 -16.66 7.34
N ARG C 21 -20.29 -16.12 8.41
CA ARG C 21 -20.64 -14.70 8.45
C ARG C 21 -19.51 -13.91 9.09
N VAL C 22 -19.12 -12.83 8.44
CA VAL C 22 -18.18 -11.89 9.01
C VAL C 22 -18.87 -10.53 9.10
N THR C 23 -18.75 -9.90 10.26
CA THR C 23 -19.33 -8.57 10.45
C THR C 23 -18.25 -7.58 10.85
N LEU C 24 -18.08 -6.54 10.03
CA LEU C 24 -17.06 -5.53 10.32
C LEU C 24 -17.69 -4.30 10.98
N PRO C 25 -17.38 -4.09 12.25
CA PRO C 25 -18.09 -3.05 13.01
C PRO C 25 -17.78 -1.64 12.51
N CYS C 26 -18.79 -0.79 12.46
CA CYS C 26 -18.58 0.64 12.33
C CYS C 26 -19.71 1.39 13.00
N ARG C 27 -19.38 2.17 14.01
CA ARG C 27 -20.39 2.95 14.71
C ARG C 27 -19.97 4.40 14.75
N VAL C 28 -20.83 5.29 14.28
CA VAL C 28 -20.53 6.71 14.25
C VAL C 28 -21.47 7.52 15.12
N MET C 29 -20.90 8.32 16.01
CA MET C 29 -21.70 9.19 16.87
C MET C 29 -21.91 10.54 16.19
N GLU C 30 -23.11 11.10 16.38
CA GLU C 30 -23.43 12.42 15.85
C GLU C 30 -23.18 12.51 14.35
N LYS C 31 -23.37 11.40 13.65
CA LYS C 31 -23.17 11.37 12.20
C LYS C 31 -23.96 12.46 11.51
N VAL C 32 -23.29 13.20 10.63
CA VAL C 32 -23.92 14.26 9.86
C VAL C 32 -23.82 14.00 8.35
N GLY C 33 -22.79 13.28 7.94
CA GLY C 33 -22.58 13.01 6.52
C GLY C 33 -23.02 11.63 6.08
N ALA C 34 -22.64 11.26 4.87
CA ALA C 34 -23.05 9.97 4.32
C ALA C 34 -21.98 8.91 4.54
N LEU C 35 -22.37 7.78 5.10
CA LEU C 35 -21.42 6.74 5.44
C LEU C 35 -21.24 5.77 4.28
N GLN C 36 -20.06 5.16 4.20
CA GLN C 36 -19.77 4.22 3.12
C GLN C 36 -18.51 3.44 3.45
N TRP C 37 -18.50 2.18 3.04
CA TRP C 37 -17.32 1.33 3.17
C TRP C 37 -16.57 1.28 1.85
N THR C 38 -15.24 1.16 1.93
CA THR C 38 -14.48 0.84 0.74
C THR C 38 -13.83 -0.53 0.94
N LYS C 39 -13.65 -1.22 -0.18
CA LYS C 39 -13.01 -2.52 -0.19
C LYS C 39 -11.89 -2.47 -1.23
N ASP C 40 -10.65 -2.62 -0.79
CA ASP C 40 -9.49 -2.34 -1.63
C ASP C 40 -9.65 -0.99 -2.33
N ASP C 41 -10.12 -0.01 -1.56
CA ASP C 41 -10.31 1.36 -2.04
C ASP C 41 -11.44 1.52 -3.07
N PHE C 42 -12.31 0.52 -3.15
CA PHE C 42 -13.48 0.60 -4.03
C PHE C 42 -14.74 0.80 -3.19
N GLY C 43 -15.46 1.87 -3.46
CA GLY C 43 -16.67 2.21 -2.70
C GLY C 43 -17.79 1.21 -2.88
N LEU C 44 -18.33 0.70 -1.77
CA LEU C 44 -19.35 -0.34 -1.82
C LEU C 44 -20.76 0.21 -1.99
N GLY C 45 -20.94 1.49 -1.72
CA GLY C 45 -22.24 2.12 -1.89
C GLY C 45 -22.69 2.84 -0.63
N GLN C 46 -23.69 3.70 -0.78
CA GLN C 46 -24.11 4.56 0.32
C GLN C 46 -25.50 4.19 0.84
N HIS C 47 -25.98 3.01 0.46
CA HIS C 47 -27.26 2.51 0.96
C HIS C 47 -27.08 1.19 1.72
N ARG C 48 -27.84 1.02 2.80
CA ARG C 48 -27.71 -0.16 3.65
C ARG C 48 -27.79 -1.48 2.88
N ASN C 49 -28.62 -1.54 1.83
CA ASN C 49 -28.71 -2.77 1.04
C ASN C 49 -27.53 -3.01 0.11
N LEU C 50 -26.77 -1.96 -0.20
CA LEU C 50 -25.59 -2.10 -1.03
C LEU C 50 -25.89 -2.91 -2.28
N SER C 51 -26.88 -2.46 -3.05
CA SER C 51 -27.24 -3.14 -4.28
C SER C 51 -26.02 -3.23 -5.19
N GLY C 52 -25.83 -4.38 -5.83
CA GLY C 52 -24.63 -4.62 -6.61
C GLY C 52 -23.72 -5.62 -5.91
N PHE C 53 -23.74 -5.59 -4.58
CA PHE C 53 -22.98 -6.56 -3.81
C PHE C 53 -23.95 -7.49 -3.08
N GLU C 54 -24.33 -8.56 -3.76
CA GLU C 54 -25.46 -9.38 -3.34
C GLU C 54 -25.28 -10.05 -1.98
N ARG C 55 -24.04 -10.12 -1.50
CA ARG C 55 -23.77 -10.77 -0.23
C ARG C 55 -23.46 -9.79 0.91
N TYR C 56 -23.37 -8.51 0.59
CA TYR C 56 -23.05 -7.50 1.61
C TYR C 56 -24.28 -6.69 2.00
N SER C 57 -24.30 -6.24 3.24
CA SER C 57 -25.29 -5.27 3.69
C SER C 57 -24.74 -4.49 4.87
N MET C 58 -25.33 -3.32 5.12
CA MET C 58 -24.97 -2.54 6.30
C MET C 58 -26.04 -2.68 7.38
N VAL C 59 -25.65 -3.33 8.48
CA VAL C 59 -26.59 -3.64 9.55
C VAL C 59 -26.49 -2.66 10.71
N GLY C 60 -27.43 -2.75 11.64
CA GLY C 60 -27.49 -1.84 12.76
C GLY C 60 -28.55 -0.76 12.59
N SER C 61 -28.73 0.05 13.62
CA SER C 61 -29.74 1.10 13.58
C SER C 61 -29.14 2.47 13.34
N ASP C 62 -29.88 3.32 12.62
CA ASP C 62 -29.48 4.70 12.41
C ASP C 62 -29.36 5.40 13.75
N GLU C 63 -30.27 5.06 14.67
CA GLU C 63 -30.33 5.70 15.98
C GLU C 63 -29.04 5.51 16.76
N GLU C 64 -28.43 4.34 16.60
CA GLU C 64 -27.18 4.02 17.29
C GLU C 64 -25.95 4.31 16.43
N GLY C 65 -26.18 4.90 15.25
CA GLY C 65 -25.10 5.15 14.32
C GLY C 65 -24.38 3.87 13.94
N ASP C 66 -25.13 2.78 13.86
CA ASP C 66 -24.56 1.49 13.52
C ASP C 66 -24.69 1.19 12.03
N PHE C 67 -23.55 1.13 11.35
CA PHE C 67 -23.51 0.86 9.91
C PHE C 67 -22.47 -0.21 9.62
N SER C 68 -22.45 -1.23 10.47
CA SER C 68 -21.47 -2.30 10.35
C SER C 68 -21.68 -3.09 9.07
N LEU C 69 -20.58 -3.49 8.44
CA LEU C 69 -20.63 -4.21 7.17
C LEU C 69 -20.82 -5.69 7.43
N ASP C 70 -21.95 -6.22 6.97
CA ASP C 70 -22.30 -7.62 7.20
C ASP C 70 -22.05 -8.43 5.93
N ILE C 71 -21.21 -9.45 6.03
CA ILE C 71 -20.90 -10.29 4.87
C ILE C 71 -21.29 -11.75 5.14
N TYR C 72 -22.18 -12.29 4.31
CA TYR C 72 -22.56 -13.69 4.41
C TYR C 72 -23.24 -14.16 3.12
N PRO C 73 -22.82 -15.32 2.60
CA PRO C 73 -21.69 -16.12 3.07
C PRO C 73 -20.34 -15.56 2.59
N LEU C 74 -19.32 -15.68 3.42
CA LEU C 74 -17.98 -15.23 3.09
C LEU C 74 -17.41 -16.03 1.93
N MET C 75 -16.77 -15.35 0.98
CA MET C 75 -16.11 -15.98 -0.15
C MET C 75 -14.69 -15.46 -0.28
N LEU C 76 -13.86 -16.16 -1.04
CA LEU C 76 -12.46 -15.78 -1.22
C LEU C 76 -12.33 -14.37 -1.79
N ASP C 77 -13.28 -14.00 -2.64
CA ASP C 77 -13.33 -12.70 -3.28
C ASP C 77 -13.39 -11.58 -2.24
N ASP C 78 -13.81 -11.92 -1.02
CA ASP C 78 -13.96 -10.94 0.04
C ASP C 78 -12.63 -10.64 0.75
N ASP C 79 -11.60 -11.43 0.45
CA ASP C 79 -10.29 -11.17 1.02
C ASP C 79 -9.77 -9.84 0.50
N ALA C 80 -9.72 -8.84 1.38
CA ALA C 80 -9.40 -7.48 0.98
C ALA C 80 -9.23 -6.58 2.18
N LYS C 81 -8.96 -5.31 1.91
CA LYS C 81 -8.80 -4.30 2.94
C LYS C 81 -10.05 -3.43 3.01
N TYR C 82 -10.56 -3.18 4.20
CA TYR C 82 -11.81 -2.46 4.36
C TYR C 82 -11.67 -1.20 5.20
N GLN C 83 -12.37 -0.16 4.81
CA GLN C 83 -12.38 1.06 5.60
C GLN C 83 -13.78 1.62 5.66
N CYS C 84 -14.14 2.18 6.82
CA CYS C 84 -15.42 2.83 7.00
C CYS C 84 -15.25 4.34 6.86
N GLN C 85 -16.00 4.94 5.95
CA GLN C 85 -15.85 6.36 5.63
C GLN C 85 -17.13 7.12 5.90
N VAL C 86 -16.98 8.37 6.34
CA VAL C 86 -18.13 9.25 6.47
C VAL C 86 -17.84 10.57 5.78
N GLY C 87 -18.70 10.93 4.84
CA GLY C 87 -18.53 12.16 4.08
C GLY C 87 -18.75 13.40 4.93
N PRO C 88 -18.49 14.58 4.35
CA PRO C 88 -18.69 15.87 5.03
C PRO C 88 -20.17 16.15 5.19
N GLY C 89 -20.54 16.86 6.25
CA GLY C 89 -21.92 17.26 6.44
C GLY C 89 -22.24 18.49 5.60
N PRO C 90 -23.50 18.97 5.68
CA PRO C 90 -23.92 20.16 4.93
C PRO C 90 -23.37 21.46 5.49
N GLN C 91 -23.15 21.52 6.81
CA GLN C 91 -22.69 22.75 7.46
C GLN C 91 -21.17 22.88 7.49
N GLY C 92 -20.47 22.14 6.63
CA GLY C 92 -19.03 22.23 6.54
C GLY C 92 -18.29 21.29 7.48
N GLU C 93 -19.02 20.38 8.12
CA GLU C 93 -18.40 19.37 8.98
C GLU C 93 -17.59 18.41 8.14
N GLN C 94 -16.34 18.18 8.53
CA GLN C 94 -15.44 17.36 7.73
C GLN C 94 -15.77 15.87 7.80
N GLY C 95 -15.43 15.16 6.73
CA GLY C 95 -15.59 13.72 6.71
C GLY C 95 -14.62 13.05 7.65
N ILE C 96 -14.80 11.74 7.85
CA ILE C 96 -13.88 10.96 8.67
C ILE C 96 -13.62 9.60 8.05
N ARG C 97 -12.49 8.99 8.41
CA ARG C 97 -12.09 7.71 7.86
C ARG C 97 -11.54 6.82 8.98
N SER C 98 -12.01 5.58 9.03
CA SER C 98 -11.55 4.66 10.05
C SER C 98 -10.22 4.05 9.65
N ARG C 99 -9.61 3.32 10.57
CA ARG C 99 -8.45 2.52 10.24
C ARG C 99 -8.84 1.50 9.16
N PHE C 100 -7.84 1.02 8.44
CA PHE C 100 -8.06 -0.07 7.50
C PHE C 100 -8.09 -1.40 8.25
N ALA C 101 -9.07 -2.25 7.94
CA ALA C 101 -9.10 -3.58 8.51
C ALA C 101 -8.85 -4.62 7.44
N LYS C 102 -7.87 -5.50 7.66
CA LYS C 102 -7.61 -6.58 6.73
C LYS C 102 -8.50 -7.79 7.05
N LEU C 103 -9.25 -8.26 6.05
CA LEU C 103 -10.05 -9.46 6.18
C LEU C 103 -9.38 -10.63 5.44
N THR C 104 -8.91 -11.61 6.20
CA THR C 104 -8.23 -12.76 5.65
C THR C 104 -9.18 -13.95 5.49
N VAL C 105 -9.44 -14.36 4.26
CA VAL C 105 -10.36 -15.47 4.00
C VAL C 105 -9.63 -16.80 3.77
N LEU C 106 -9.94 -17.78 4.61
CA LEU C 106 -9.30 -19.10 4.49
C LEU C 106 -10.18 -20.05 3.69
N VAL C 107 -9.58 -20.80 2.78
CA VAL C 107 -10.34 -21.64 1.85
C VAL C 107 -9.82 -23.07 1.84
N PRO C 108 -10.75 -24.04 1.79
CA PRO C 108 -10.39 -25.46 1.69
C PRO C 108 -9.52 -25.73 0.46
N HIS C 109 -8.59 -26.67 0.59
CA HIS C 109 -7.81 -27.15 -0.54
C HIS C 109 -6.85 -26.09 -1.08
N GLY D 4 -20.78 -5.10 -22.32
CA GLY D 4 -20.35 -4.89 -20.95
C GLY D 4 -19.83 -3.49 -20.70
N GLN D 5 -20.23 -2.90 -19.58
CA GLN D 5 -19.80 -1.54 -19.22
C GLN D 5 -18.28 -1.39 -19.29
N HIS D 6 -17.83 -0.30 -19.88
CA HIS D 6 -16.40 -0.06 -20.07
C HIS D 6 -16.12 1.40 -20.29
N PHE D 7 -14.88 1.81 -20.01
CA PHE D 7 -14.47 3.20 -20.15
C PHE D 7 -14.23 3.55 -21.60
N ALA D 8 -14.81 4.66 -22.05
CA ALA D 8 -14.49 5.21 -23.36
C ALA D 8 -13.41 6.27 -23.18
N MET D 9 -13.39 6.85 -21.98
CA MET D 9 -12.44 7.90 -21.64
C MET D 9 -12.06 7.80 -20.16
N GLU D 10 -10.77 7.89 -19.88
CA GLU D 10 -10.27 7.79 -18.50
C GLU D 10 -9.45 9.02 -18.16
N PRO D 11 -9.50 9.44 -16.89
CA PRO D 11 -8.79 10.65 -16.46
C PRO D 11 -7.27 10.51 -16.61
N GLN D 12 -6.61 11.59 -17.00
CA GLN D 12 -5.15 11.59 -17.05
C GLN D 12 -4.55 12.62 -16.09
N ASP D 13 -3.26 12.52 -15.84
CA ASP D 13 -2.59 13.45 -14.93
C ASP D 13 -2.81 14.89 -15.37
N GLN D 14 -3.02 15.78 -14.40
CA GLN D 14 -3.19 17.21 -14.69
C GLN D 14 -2.45 18.08 -13.70
N THR D 15 -2.04 19.26 -14.18
CA THR D 15 -1.46 20.29 -13.36
C THR D 15 -2.28 21.55 -13.59
N ALA D 16 -2.71 22.19 -12.52
CA ALA D 16 -3.54 23.37 -12.68
C ALA D 16 -3.30 24.37 -11.55
N VAL D 17 -3.74 25.60 -11.78
CA VAL D 17 -3.51 26.69 -10.83
C VAL D 17 -4.70 26.87 -9.91
N VAL D 18 -4.43 27.08 -8.63
CA VAL D 18 -5.46 27.44 -7.67
C VAL D 18 -6.39 28.51 -8.26
N GLY D 19 -7.69 28.36 -8.03
CA GLY D 19 -8.67 29.34 -8.48
C GLY D 19 -9.36 28.98 -9.78
N SER D 20 -8.79 28.03 -10.52
CA SER D 20 -9.32 27.67 -11.83
C SER D 20 -10.32 26.52 -11.76
N ARG D 21 -11.01 26.26 -12.87
CA ARG D 21 -11.85 25.08 -12.97
C ARG D 21 -11.07 23.92 -13.55
N VAL D 22 -11.17 22.77 -12.91
CA VAL D 22 -10.58 21.54 -13.42
C VAL D 22 -11.67 20.56 -13.84
N THR D 23 -11.43 19.84 -14.93
CA THR D 23 -12.34 18.79 -15.37
C THR D 23 -11.59 17.49 -15.50
N LEU D 24 -11.98 16.51 -14.70
CA LEU D 24 -11.40 15.17 -14.76
C LEU D 24 -12.37 14.27 -15.53
N PRO D 25 -11.97 13.87 -16.74
CA PRO D 25 -12.82 13.12 -17.67
C PRO D 25 -13.09 11.67 -17.24
N CYS D 26 -14.34 11.25 -17.36
CA CYS D 26 -14.69 9.84 -17.27
C CYS D 26 -15.94 9.57 -18.09
N ARG D 27 -15.79 8.80 -19.16
CA ARG D 27 -16.92 8.46 -20.01
C ARG D 27 -17.16 6.95 -20.01
N VAL D 28 -18.36 6.55 -19.61
CA VAL D 28 -18.70 5.14 -19.51
C VAL D 28 -19.81 4.77 -20.49
N MET D 29 -19.55 3.75 -21.29
CA MET D 29 -20.55 3.24 -22.23
C MET D 29 -21.19 1.96 -21.69
N GLU D 30 -22.44 1.73 -22.04
CA GLU D 30 -23.18 0.56 -21.57
C GLU D 30 -23.10 0.42 -20.06
N LYS D 31 -23.26 1.54 -19.36
CA LYS D 31 -23.16 1.54 -17.90
C LYS D 31 -24.32 0.79 -17.27
N VAL D 32 -24.01 -0.05 -16.29
CA VAL D 32 -25.02 -0.81 -15.59
C VAL D 32 -24.97 -0.57 -14.07
N GLY D 33 -23.78 -0.31 -13.56
CA GLY D 33 -23.60 -0.11 -12.13
C GLY D 33 -23.61 1.36 -11.71
N ALA D 34 -23.56 1.59 -10.40
CA ALA D 34 -23.53 2.95 -9.87
C ALA D 34 -22.12 3.53 -9.96
N LEU D 35 -22.02 4.75 -10.47
CA LEU D 35 -20.71 5.37 -10.68
C LEU D 35 -20.33 6.33 -9.56
N GLN D 36 -19.03 6.41 -9.31
CA GLN D 36 -18.52 7.25 -8.23
C GLN D 36 -17.05 7.57 -8.45
N TRP D 37 -16.64 8.77 -8.07
CA TRP D 37 -15.23 9.14 -8.06
C TRP D 37 -14.66 8.91 -6.68
N THR D 38 -13.40 8.49 -6.62
CA THR D 38 -12.66 8.58 -5.37
C THR D 38 -11.56 9.66 -5.46
N LYS D 39 -11.36 10.34 -4.34
CA LYS D 39 -10.25 11.27 -4.18
C LYS D 39 -9.38 10.74 -3.05
N ASP D 40 -8.15 10.36 -3.38
CA ASP D 40 -7.26 9.70 -2.42
C ASP D 40 -7.96 8.50 -1.76
N ASP D 41 -8.70 7.77 -2.57
CA ASP D 41 -9.41 6.55 -2.13
C ASP D 41 -10.60 6.84 -1.22
N PHE D 42 -11.04 8.09 -1.19
CA PHE D 42 -12.24 8.46 -0.43
C PHE D 42 -13.40 8.71 -1.40
N GLY D 43 -14.49 7.97 -1.22
CA GLY D 43 -15.64 8.05 -2.10
C GLY D 43 -16.37 9.37 -2.02
N LEU D 44 -16.61 9.98 -3.17
CA LEU D 44 -17.22 11.31 -3.23
C LEU D 44 -18.75 11.28 -3.30
N GLY D 45 -19.32 10.11 -3.56
CA GLY D 45 -20.75 9.98 -3.66
C GLY D 45 -21.19 9.37 -4.99
N GLN D 46 -22.29 8.63 -4.96
CA GLN D 46 -22.81 7.95 -6.13
C GLN D 46 -23.95 8.77 -6.72
N HIS D 47 -24.35 8.43 -7.94
CA HIS D 47 -25.50 9.06 -8.57
C HIS D 47 -25.35 10.58 -8.67
N ARG D 48 -24.12 11.03 -8.91
CA ARG D 48 -23.83 12.47 -9.07
C ARG D 48 -24.08 13.28 -7.80
N ASN D 49 -24.51 12.60 -6.73
CA ASN D 49 -24.78 13.28 -5.48
C ASN D 49 -23.49 13.41 -4.68
N LEU D 50 -22.95 14.62 -4.63
CA LEU D 50 -21.68 14.86 -3.94
C LEU D 50 -21.89 15.78 -2.75
N SER D 51 -22.85 15.41 -1.90
CA SER D 51 -23.21 16.20 -0.73
C SER D 51 -22.01 16.51 0.15
N GLY D 52 -21.88 17.78 0.53
CA GLY D 52 -20.78 18.21 1.37
C GLY D 52 -19.55 18.69 0.61
N PHE D 53 -19.47 18.36 -0.68
CA PHE D 53 -18.38 18.84 -1.53
C PHE D 53 -18.90 19.90 -2.49
N GLU D 54 -19.03 21.13 -1.99
CA GLU D 54 -19.70 22.18 -2.75
C GLU D 54 -18.94 22.67 -4.00
N ARG D 55 -17.66 22.31 -4.11
CA ARG D 55 -16.83 22.75 -5.21
C ARG D 55 -16.68 21.66 -6.27
N TYR D 56 -17.24 20.49 -5.99
CA TYR D 56 -17.23 19.38 -6.94
C TYR D 56 -18.59 19.23 -7.60
N SER D 57 -18.60 18.87 -8.89
CA SER D 57 -19.87 18.62 -9.57
C SER D 57 -19.71 17.63 -10.72
N MET D 58 -20.81 17.02 -11.13
CA MET D 58 -20.83 16.06 -12.23
C MET D 58 -22.03 16.41 -13.11
N VAL D 59 -21.85 17.39 -13.98
CA VAL D 59 -22.97 17.97 -14.72
C VAL D 59 -23.24 17.30 -16.06
N GLY D 60 -22.37 16.38 -16.47
CA GLY D 60 -22.57 15.64 -17.71
C GLY D 60 -23.86 14.83 -17.75
N SER D 61 -24.22 14.35 -18.94
CA SER D 61 -25.49 13.65 -19.12
C SER D 61 -25.32 12.14 -19.09
N ASP D 62 -26.35 11.45 -18.60
CA ASP D 62 -26.36 10.00 -18.54
C ASP D 62 -26.42 9.38 -19.93
N GLU D 63 -27.10 10.07 -20.85
CA GLU D 63 -27.28 9.56 -22.22
C GLU D 63 -25.96 9.57 -22.99
N GLU D 64 -25.08 10.53 -22.68
CA GLU D 64 -23.77 10.58 -23.31
C GLU D 64 -22.76 9.71 -22.58
N GLY D 65 -23.13 9.25 -21.39
CA GLY D 65 -22.21 8.50 -20.56
C GLY D 65 -21.13 9.41 -19.99
N ASP D 66 -21.43 10.70 -19.93
CA ASP D 66 -20.47 11.67 -19.43
C ASP D 66 -20.55 11.84 -17.92
N PHE D 67 -19.56 11.32 -17.22
CA PHE D 67 -19.53 11.41 -15.77
C PHE D 67 -18.29 12.11 -15.26
N SER D 68 -17.76 13.02 -16.07
CA SER D 68 -16.58 13.78 -15.72
C SER D 68 -16.82 14.54 -14.42
N LEU D 69 -15.77 14.66 -13.62
CA LEU D 69 -15.81 15.41 -12.37
C LEU D 69 -15.24 16.81 -12.56
N ASP D 70 -16.05 17.82 -12.27
CA ASP D 70 -15.61 19.21 -12.31
C ASP D 70 -15.25 19.75 -10.92
N ILE D 71 -14.18 20.53 -10.87
CA ILE D 71 -13.72 21.14 -9.63
C ILE D 71 -13.51 22.65 -9.82
N TYR D 72 -14.21 23.44 -9.01
CA TYR D 72 -14.12 24.90 -9.11
C TYR D 72 -14.68 25.58 -7.89
N PRO D 73 -13.90 26.47 -7.27
CA PRO D 73 -12.54 26.81 -7.72
C PRO D 73 -11.51 25.84 -7.17
N LEU D 74 -10.45 25.61 -7.93
CA LEU D 74 -9.41 24.68 -7.50
C LEU D 74 -8.69 25.20 -6.26
N MET D 75 -8.47 24.32 -5.29
CA MET D 75 -7.68 24.66 -4.12
C MET D 75 -6.58 23.64 -3.88
N LEU D 76 -5.66 23.97 -2.97
CA LEU D 76 -4.55 23.06 -2.64
C LEU D 76 -5.08 21.74 -2.07
N ASP D 77 -6.17 21.81 -1.32
CA ASP D 77 -6.77 20.64 -0.72
C ASP D 77 -7.14 19.60 -1.79
N ASP D 78 -7.28 20.07 -3.04
CA ASP D 78 -7.72 19.23 -4.13
C ASP D 78 -6.55 18.49 -4.78
N ASP D 79 -5.35 18.76 -4.29
CA ASP D 79 -4.18 18.09 -4.81
C ASP D 79 -4.21 16.63 -4.36
N ALA D 80 -4.55 15.73 -5.28
CA ALA D 80 -4.67 14.33 -4.91
C ALA D 80 -4.77 13.40 -6.12
N LYS D 81 -4.95 12.12 -5.82
CA LYS D 81 -5.09 11.07 -6.82
C LYS D 81 -6.56 10.68 -6.94
N TYR D 82 -7.08 10.69 -8.16
CA TYR D 82 -8.51 10.45 -8.41
C TYR D 82 -8.74 9.21 -9.26
N GLN D 83 -9.87 8.54 -9.02
CA GLN D 83 -10.24 7.37 -9.80
C GLN D 83 -11.74 7.32 -10.06
N CYS D 84 -12.10 6.97 -11.28
CA CYS D 84 -13.51 6.81 -11.66
C CYS D 84 -13.89 5.35 -11.48
N GLN D 85 -14.95 5.10 -10.71
CA GLN D 85 -15.37 3.72 -10.39
C GLN D 85 -16.82 3.45 -10.79
N VAL D 86 -17.06 2.28 -11.36
CA VAL D 86 -18.41 1.84 -11.64
C VAL D 86 -18.70 0.52 -10.92
N GLY D 87 -19.77 0.50 -10.12
CA GLY D 87 -20.14 -0.67 -9.36
C GLY D 87 -20.74 -1.77 -10.22
N PRO D 88 -20.92 -2.97 -9.63
CA PRO D 88 -21.49 -4.12 -10.34
C PRO D 88 -22.94 -3.88 -10.73
N GLY D 89 -23.40 -4.58 -11.75
CA GLY D 89 -24.79 -4.47 -12.17
C GLY D 89 -25.63 -5.47 -11.40
N PRO D 90 -26.95 -5.48 -11.65
CA PRO D 90 -27.84 -6.42 -10.98
C PRO D 90 -27.76 -7.82 -11.60
N GLN D 91 -27.27 -7.90 -12.84
CA GLN D 91 -27.18 -9.18 -13.54
C GLN D 91 -25.76 -9.74 -13.50
N GLY D 92 -25.07 -9.49 -12.39
CA GLY D 92 -23.74 -10.04 -12.20
C GLY D 92 -22.64 -9.26 -12.90
N GLU D 93 -23.02 -8.24 -13.66
CA GLU D 93 -22.06 -7.40 -14.34
C GLU D 93 -20.99 -6.92 -13.36
N GLN D 94 -19.73 -7.21 -13.65
CA GLN D 94 -18.64 -6.81 -12.78
C GLN D 94 -18.38 -5.30 -12.89
N GLY D 95 -17.98 -4.71 -11.76
CA GLY D 95 -17.61 -3.30 -11.74
C GLY D 95 -16.26 -3.07 -12.39
N ILE D 96 -15.95 -1.79 -12.63
CA ILE D 96 -14.69 -1.42 -13.26
C ILE D 96 -14.07 -0.19 -12.59
N ARG D 97 -12.76 -0.02 -12.76
CA ARG D 97 -12.02 1.08 -12.17
C ARG D 97 -11.07 1.70 -13.20
N SER D 98 -11.13 3.02 -13.35
CA SER D 98 -10.24 3.71 -14.28
C SER D 98 -8.84 3.75 -13.69
N ARG D 99 -7.87 4.18 -14.48
CA ARG D 99 -6.54 4.45 -13.94
C ARG D 99 -6.69 5.53 -12.86
N PHE D 100 -5.68 5.65 -12.01
CA PHE D 100 -5.61 6.76 -11.08
C PHE D 100 -5.01 7.98 -11.79
N ALA D 101 -5.65 9.14 -11.65
CA ALA D 101 -5.14 10.37 -12.23
C ALA D 101 -4.63 11.32 -11.15
N LYS D 102 -3.35 11.66 -11.22
CA LYS D 102 -2.75 12.60 -10.27
C LYS D 102 -3.05 14.05 -10.64
N LEU D 103 -3.74 14.75 -9.76
CA LEU D 103 -4.06 16.16 -9.95
C LEU D 103 -3.15 17.04 -9.10
N THR D 104 -2.29 17.81 -9.77
CA THR D 104 -1.31 18.66 -9.10
C THR D 104 -1.77 20.11 -9.09
N VAL D 105 -1.66 20.76 -7.94
CA VAL D 105 -2.15 22.12 -7.77
C VAL D 105 -0.99 23.10 -7.56
N LEU D 106 -0.90 24.11 -8.44
CA LEU D 106 0.16 25.11 -8.33
C LEU D 106 -0.37 26.42 -7.77
N VAL D 107 0.49 27.13 -7.07
CA VAL D 107 0.18 28.49 -6.63
C VAL D 107 1.10 29.46 -7.36
N PRO D 108 0.51 30.45 -8.06
CA PRO D 108 1.25 31.46 -8.81
C PRO D 108 2.41 32.08 -8.00
N GLY E 4 40.32 -18.95 2.35
CA GLY E 4 39.11 -18.35 2.88
C GLY E 4 39.18 -16.83 2.86
N GLN E 5 38.03 -16.20 2.66
CA GLN E 5 37.94 -14.74 2.62
C GLN E 5 38.53 -14.13 3.89
N HIS E 6 39.26 -13.04 3.74
CA HIS E 6 39.89 -12.36 4.86
C HIS E 6 40.22 -10.92 4.52
N PHE E 7 40.19 -10.05 5.52
CA PHE E 7 40.47 -8.63 5.30
C PHE E 7 41.92 -8.35 4.96
N ALA E 8 42.13 -7.48 3.97
CA ALA E 8 43.45 -6.98 3.64
C ALA E 8 43.56 -5.55 4.15
N MET E 9 42.42 -4.92 4.37
CA MET E 9 42.36 -3.56 4.90
C MET E 9 41.05 -3.39 5.66
N GLU E 10 41.14 -2.90 6.88
CA GLU E 10 39.94 -2.67 7.70
C GLU E 10 39.79 -1.20 8.05
N PRO E 11 38.54 -0.77 8.30
CA PRO E 11 38.25 0.64 8.61
C PRO E 11 39.02 1.13 9.85
N GLN E 12 39.30 2.43 9.90
CA GLN E 12 40.03 2.99 11.03
C GLN E 12 39.24 4.14 11.59
N ASP E 13 39.51 4.48 12.84
CA ASP E 13 38.82 5.62 13.44
C ASP E 13 39.18 6.86 12.65
N GLN E 14 38.23 7.78 12.50
CA GLN E 14 38.46 8.99 11.75
C GLN E 14 37.71 10.16 12.37
N THR E 15 38.34 11.33 12.34
CA THR E 15 37.69 12.56 12.76
C THR E 15 37.64 13.50 11.56
N ALA E 16 36.47 14.10 11.34
CA ALA E 16 36.30 14.96 10.17
C ALA E 16 35.22 16.02 10.37
N VAL E 17 35.28 17.06 9.55
CA VAL E 17 34.36 18.17 9.65
C VAL E 17 33.14 17.89 8.78
N VAL E 18 31.98 18.35 9.24
CA VAL E 18 30.77 18.27 8.42
C VAL E 18 31.02 18.96 7.09
N GLY E 19 30.50 18.38 6.01
CA GLY E 19 30.60 18.98 4.69
C GLY E 19 31.69 18.35 3.87
N SER E 20 32.56 17.58 4.51
CA SER E 20 33.67 16.95 3.81
C SER E 20 33.33 15.54 3.35
N ARG E 21 34.29 14.91 2.68
CA ARG E 21 34.13 13.51 2.27
C ARG E 21 34.92 12.61 3.20
N VAL E 22 34.30 11.49 3.57
CA VAL E 22 34.96 10.47 4.37
C VAL E 22 34.81 9.12 3.68
N THR E 23 35.91 8.37 3.61
CA THR E 23 35.88 7.07 2.98
C THR E 23 36.51 6.06 3.94
N LEU E 24 35.68 5.19 4.49
CA LEU E 24 36.17 4.15 5.39
C LEU E 24 36.59 2.94 4.57
N PRO E 25 37.89 2.65 4.55
CA PRO E 25 38.42 1.56 3.73
C PRO E 25 37.93 0.19 4.22
N CYS E 26 37.67 -0.71 3.29
CA CYS E 26 37.44 -2.12 3.60
C CYS E 26 37.75 -2.96 2.37
N ARG E 27 38.80 -3.77 2.46
CA ARG E 27 39.22 -4.60 1.34
C ARG E 27 39.30 -6.07 1.73
N VAL E 28 38.69 -6.92 0.92
CA VAL E 28 38.61 -8.35 1.21
C VAL E 28 39.21 -9.20 0.09
N MET E 29 40.17 -10.04 0.44
CA MET E 29 40.79 -10.95 -0.51
C MET E 29 40.05 -12.29 -0.52
N GLU E 30 39.96 -12.90 -1.69
CA GLU E 30 39.23 -14.16 -1.85
C GLU E 30 37.82 -14.03 -1.29
N LYS E 31 37.18 -12.90 -1.56
CA LYS E 31 35.83 -12.68 -1.04
C LYS E 31 34.86 -13.68 -1.65
N VAL E 32 34.07 -14.31 -0.78
CA VAL E 32 33.09 -15.30 -1.21
C VAL E 32 31.68 -14.83 -0.89
N GLY E 33 31.49 -14.36 0.35
CA GLY E 33 30.18 -13.97 0.81
C GLY E 33 29.80 -12.57 0.40
N ALA E 34 28.61 -12.15 0.79
CA ALA E 34 28.14 -10.80 0.49
C ALA E 34 28.62 -9.84 1.57
N LEU E 35 29.12 -8.69 1.15
CA LEU E 35 29.70 -7.71 2.06
C LEU E 35 28.68 -6.66 2.45
N GLN E 36 28.69 -6.28 3.73
CA GLN E 36 27.79 -5.23 4.20
C GLN E 36 28.42 -4.45 5.35
N TRP E 37 28.13 -3.15 5.38
CA TRP E 37 28.57 -2.28 6.46
C TRP E 37 27.44 -2.11 7.46
N THR E 38 27.79 -2.00 8.74
CA THR E 38 26.82 -1.55 9.73
C THR E 38 27.22 -0.20 10.32
N LYS E 39 26.23 0.61 10.63
CA LYS E 39 26.40 1.88 11.31
C LYS E 39 25.63 1.80 12.62
N ASP E 40 26.34 1.76 13.73
CA ASP E 40 25.71 1.50 15.03
C ASP E 40 24.91 0.19 15.02
N ASP E 41 25.50 -0.83 14.41
CA ASP E 41 24.91 -2.17 14.37
C ASP E 41 23.69 -2.26 13.44
N PHE E 42 23.48 -1.22 12.64
CA PHE E 42 22.39 -1.20 11.67
C PHE E 42 22.93 -1.39 10.25
N GLY E 43 22.54 -2.48 9.61
CA GLY E 43 22.99 -2.78 8.24
C GLY E 43 22.58 -1.73 7.23
N LEU E 44 23.53 -1.33 6.39
CA LEU E 44 23.32 -0.23 5.43
C LEU E 44 22.83 -0.71 4.06
N GLY E 45 23.14 -1.96 3.72
CA GLY E 45 22.72 -2.52 2.45
C GLY E 45 23.82 -3.33 1.81
N GLN E 46 23.48 -4.15 0.83
CA GLN E 46 24.46 -5.04 0.21
C GLN E 46 24.75 -4.68 -1.24
N HIS E 47 24.20 -3.57 -1.69
CA HIS E 47 24.46 -3.08 -3.04
C HIS E 47 25.17 -1.73 -3.00
N ARG E 48 26.06 -1.52 -3.96
CA ARG E 48 26.97 -0.38 -3.91
C ARG E 48 26.26 0.97 -3.81
N ASN E 49 25.04 1.06 -4.31
CA ASN E 49 24.31 2.34 -4.24
C ASN E 49 23.71 2.63 -2.87
N LEU E 50 23.68 1.62 -2.00
CA LEU E 50 23.12 1.77 -0.66
C LEU E 50 21.85 2.61 -0.63
N SER E 51 20.85 2.21 -1.40
CA SER E 51 19.57 2.92 -1.44
C SER E 51 18.99 3.08 -0.03
N GLY E 52 18.37 4.23 0.22
CA GLY E 52 17.84 4.52 1.54
C GLY E 52 18.79 5.42 2.30
N PHE E 53 20.05 5.38 1.92
CA PHE E 53 21.05 6.28 2.47
C PHE E 53 21.61 7.14 1.34
N GLU E 54 21.03 8.32 1.20
CA GLU E 54 21.30 9.19 0.05
C GLU E 54 22.76 9.59 -0.09
N ARG E 55 23.45 9.75 1.04
CA ARG E 55 24.82 10.27 1.01
C ARG E 55 25.89 9.18 1.09
N TYR E 56 25.47 7.92 1.15
CA TYR E 56 26.42 6.80 1.24
C TYR E 56 26.48 6.00 -0.05
N SER E 57 27.65 5.46 -0.34
CA SER E 57 27.82 4.48 -1.40
C SER E 57 29.05 3.65 -1.06
N MET E 58 29.25 2.55 -1.79
CA MET E 58 30.45 1.75 -1.60
C MET E 58 31.31 1.83 -2.85
N VAL E 59 32.53 2.34 -2.69
CA VAL E 59 33.43 2.54 -3.83
C VAL E 59 34.50 1.46 -3.89
N GLY E 60 35.09 1.31 -5.07
CA GLY E 60 36.11 0.29 -5.29
C GLY E 60 35.68 -0.67 -6.37
N SER E 61 36.60 -1.51 -6.82
CA SER E 61 36.29 -2.50 -7.84
C SER E 61 36.10 -3.88 -7.22
N ASP E 62 35.14 -4.64 -7.76
CA ASP E 62 34.91 -6.00 -7.30
C ASP E 62 36.15 -6.85 -7.55
N GLU E 63 36.98 -6.43 -8.49
CA GLU E 63 38.18 -7.16 -8.85
C GLU E 63 39.22 -7.11 -7.74
N GLU E 64 39.24 -6.00 -7.01
CA GLU E 64 40.20 -5.83 -5.93
C GLU E 64 39.58 -6.08 -4.56
N GLY E 65 38.33 -6.51 -4.55
CA GLY E 65 37.61 -6.79 -3.31
C GLY E 65 37.46 -5.55 -2.47
N ASP E 66 37.27 -4.42 -3.15
CA ASP E 66 37.22 -3.11 -2.50
C ASP E 66 35.78 -2.61 -2.34
N PHE E 67 35.35 -2.47 -1.10
CA PHE E 67 33.99 -2.02 -0.79
C PHE E 67 33.98 -0.94 0.28
N SER E 68 34.88 0.02 0.15
CA SER E 68 34.98 1.11 1.12
C SER E 68 33.71 1.94 1.18
N LEU E 69 33.34 2.38 2.37
CA LEU E 69 32.14 3.16 2.57
C LEU E 69 32.42 4.63 2.29
N ASP E 70 31.77 5.16 1.26
CA ASP E 70 32.01 6.54 0.84
C ASP E 70 30.90 7.47 1.35
N ILE E 71 31.27 8.45 2.16
CA ILE E 71 30.29 9.35 2.74
C ILE E 71 30.56 10.79 2.31
N TYR E 72 29.55 11.43 1.72
CA TYR E 72 29.68 12.83 1.32
C TYR E 72 28.36 13.42 0.87
N PRO E 73 28.05 14.64 1.35
CA PRO E 73 28.83 15.39 2.34
C PRO E 73 28.59 14.86 3.75
N LEU E 74 29.64 14.92 4.57
CA LEU E 74 29.58 14.41 5.94
C LEU E 74 28.62 15.24 6.80
N MET E 75 27.71 14.56 7.50
CA MET E 75 26.77 15.23 8.40
C MET E 75 26.94 14.75 9.84
N LEU E 76 26.38 15.52 10.78
CA LEU E 76 26.46 15.18 12.20
C LEU E 76 25.84 13.81 12.46
N ASP E 77 24.74 13.54 11.75
CA ASP E 77 24.03 12.27 11.87
C ASP E 77 24.93 11.06 11.59
N ASP E 78 26.09 11.29 11.00
CA ASP E 78 26.99 10.21 10.62
C ASP E 78 27.94 9.83 11.74
N ASP E 79 28.02 10.66 12.77
CA ASP E 79 28.86 10.35 13.92
C ASP E 79 28.40 9.01 14.51
N ALA E 80 29.19 7.96 14.30
CA ALA E 80 28.78 6.63 14.72
C ALA E 80 29.88 5.60 14.64
N LYS E 81 29.51 4.36 14.96
CA LYS E 81 30.42 3.23 14.93
C LYS E 81 30.14 2.41 13.67
N TYR E 82 31.19 2.01 12.95
CA TYR E 82 31.02 1.35 11.66
C TYR E 82 31.82 0.07 11.56
N GLN E 83 31.20 -0.96 10.99
CA GLN E 83 31.88 -2.23 10.78
C GLN E 83 31.65 -2.77 9.38
N CYS E 84 32.63 -3.52 8.88
CA CYS E 84 32.54 -4.17 7.59
C CYS E 84 32.32 -5.69 7.76
N GLN E 85 31.19 -6.19 7.26
CA GLN E 85 30.84 -7.60 7.42
C GLN E 85 30.79 -8.32 6.08
N VAL E 86 31.28 -9.56 6.06
CA VAL E 86 31.11 -10.40 4.89
C VAL E 86 30.43 -11.70 5.30
N GLY E 87 29.32 -12.02 4.64
CA GLY E 87 28.56 -13.22 4.95
C GLY E 87 29.31 -14.49 4.57
N PRO E 88 28.74 -15.66 4.92
CA PRO E 88 29.37 -16.94 4.60
C PRO E 88 29.29 -17.24 3.11
N GLY E 89 30.19 -18.10 2.64
CA GLY E 89 30.19 -18.51 1.24
C GLY E 89 29.18 -19.61 0.97
N PRO E 90 29.01 -19.96 -0.30
CA PRO E 90 28.09 -21.03 -0.72
C PRO E 90 28.55 -22.42 -0.32
N GLN E 91 29.70 -22.53 0.34
CA GLN E 91 30.24 -23.84 0.68
C GLN E 91 30.90 -23.91 2.06
N GLY E 92 30.25 -23.29 3.05
CA GLY E 92 30.68 -23.42 4.43
C GLY E 92 31.66 -22.36 4.90
N GLU E 93 32.22 -21.59 3.98
CA GLU E 93 33.14 -20.51 4.35
C GLU E 93 32.52 -19.62 5.40
N GLN E 94 33.20 -19.46 6.52
CA GLN E 94 32.69 -18.65 7.62
C GLN E 94 32.75 -17.16 7.30
N GLY E 95 31.71 -16.43 7.71
CA GLY E 95 31.68 -15.00 7.52
C GLY E 95 32.72 -14.30 8.36
N ILE E 96 33.04 -13.06 8.00
CA ILE E 96 34.02 -12.29 8.77
C ILE E 96 33.52 -10.89 9.12
N ARG E 97 34.07 -10.33 10.19
CA ARG E 97 33.71 -9.01 10.67
C ARG E 97 34.97 -8.22 10.94
N SER E 98 34.98 -6.94 10.59
CA SER E 98 36.16 -6.11 10.81
C SER E 98 36.12 -5.50 12.22
N ARG E 99 37.20 -4.85 12.59
CA ARG E 99 37.18 -4.02 13.79
C ARG E 99 36.08 -2.99 13.62
N PHE E 100 35.57 -2.46 14.73
CA PHE E 100 34.64 -1.36 14.66
C PHE E 100 35.41 -0.05 14.49
N ALA E 101 35.01 0.75 13.50
CA ALA E 101 35.64 2.05 13.28
C ALA E 101 34.77 3.19 13.82
N LYS E 102 35.38 4.03 14.64
CA LYS E 102 34.67 5.17 15.21
C LYS E 102 34.82 6.42 14.32
N LEU E 103 33.68 6.96 13.90
CA LEU E 103 33.68 8.18 13.11
C LEU E 103 33.22 9.35 13.96
N THR E 104 34.13 10.27 14.24
CA THR E 104 33.80 11.46 15.02
C THR E 104 33.57 12.61 14.06
N VAL E 105 32.46 13.31 14.23
CA VAL E 105 32.10 14.40 13.33
C VAL E 105 32.17 15.76 14.01
N LEU E 106 32.93 16.67 13.40
CA LEU E 106 33.15 18.01 13.94
C LEU E 106 32.24 19.03 13.28
N VAL E 107 31.78 19.99 14.07
CA VAL E 107 30.98 21.09 13.54
C VAL E 107 31.61 22.42 13.97
N PRO E 108 32.17 23.16 13.00
CA PRO E 108 32.83 24.44 13.25
C PRO E 108 31.96 25.40 14.06
N GLY F 4 3.41 5.99 8.16
CA GLY F 4 4.67 5.66 8.83
C GLY F 4 4.83 4.18 9.08
N GLN F 5 5.90 3.60 8.53
CA GLN F 5 6.16 2.17 8.67
C GLN F 5 6.44 1.82 10.12
N HIS F 6 5.88 0.69 10.58
CA HIS F 6 6.01 0.30 11.97
C HIS F 6 5.77 -1.18 12.18
N PHE F 7 6.25 -1.70 13.31
CA PHE F 7 6.09 -3.10 13.64
C PHE F 7 4.69 -3.36 14.19
N ALA F 8 3.99 -4.31 13.57
CA ALA F 8 2.72 -4.76 14.10
C ALA F 8 2.97 -5.90 15.09
N MET F 9 4.09 -6.59 14.90
CA MET F 9 4.49 -7.68 15.78
C MET F 9 6.00 -7.80 15.83
N GLU F 10 6.56 -7.84 17.03
CA GLU F 10 8.00 -7.91 17.23
C GLU F 10 8.41 -9.19 17.94
N PRO F 11 9.62 -9.69 17.64
CA PRO F 11 10.06 -10.98 18.18
C PRO F 11 10.33 -10.93 19.68
N GLN F 12 9.94 -11.99 20.39
CA GLN F 12 10.21 -12.08 21.82
C GLN F 12 11.28 -13.12 22.09
N ASP F 13 11.82 -13.11 23.31
CA ASP F 13 12.83 -14.08 23.72
C ASP F 13 12.30 -15.52 23.61
N GLN F 14 13.15 -16.43 23.19
CA GLN F 14 12.78 -17.84 23.09
C GLN F 14 13.87 -18.76 23.59
N THR F 15 13.45 -19.96 24.00
CA THR F 15 14.36 -21.02 24.36
C THR F 15 13.89 -22.24 23.57
N ALA F 16 14.81 -22.89 22.86
CA ALA F 16 14.45 -24.05 22.05
C ALA F 16 15.55 -25.10 22.02
N VAL F 17 15.22 -26.29 21.54
CA VAL F 17 16.14 -27.41 21.55
C VAL F 17 16.77 -27.63 20.19
N VAL F 18 18.07 -27.94 20.19
CA VAL F 18 18.77 -28.31 18.98
C VAL F 18 17.93 -29.23 18.12
N GLY F 19 17.85 -28.94 16.82
CA GLY F 19 17.16 -29.80 15.87
C GLY F 19 15.74 -29.37 15.54
N SER F 20 15.20 -28.44 16.32
CA SER F 20 13.83 -28.02 16.10
C SER F 20 13.75 -26.83 15.15
N ARG F 21 12.54 -26.52 14.68
CA ARG F 21 12.32 -25.28 13.94
C ARG F 21 11.94 -24.18 14.91
N VAL F 22 12.61 -23.05 14.79
CA VAL F 22 12.26 -21.86 15.57
C VAL F 22 11.79 -20.76 14.64
N THR F 23 10.80 -20.00 15.09
CA THR F 23 10.29 -18.88 14.33
C THR F 23 10.34 -17.62 15.17
N LEU F 24 11.08 -16.64 14.70
CA LEU F 24 11.13 -15.33 15.33
C LEU F 24 10.20 -14.39 14.56
N PRO F 25 9.11 -13.96 15.18
CA PRO F 25 8.10 -13.14 14.51
C PRO F 25 8.58 -11.72 14.19
N CYS F 26 8.21 -11.23 13.02
CA CYS F 26 8.40 -9.83 12.65
C CYS F 26 7.41 -9.43 11.59
N ARG F 27 6.47 -8.56 11.94
CA ARG F 27 5.46 -8.09 11.01
C ARG F 27 5.48 -6.56 10.92
N VAL F 28 5.58 -6.05 9.69
CA VAL F 28 5.68 -4.60 9.48
C VAL F 28 4.54 -4.07 8.62
N MET F 29 3.89 -3.01 9.11
CA MET F 29 2.80 -2.37 8.39
C MET F 29 3.28 -1.13 7.63
N GLU F 30 2.84 -0.99 6.38
CA GLU F 30 3.19 0.14 5.54
C GLU F 30 4.70 0.25 5.30
N LYS F 31 5.33 -0.88 4.99
CA LYS F 31 6.77 -0.92 4.75
C LYS F 31 7.16 -0.15 3.50
N VAL F 32 8.20 0.67 3.61
CA VAL F 32 8.75 1.36 2.45
C VAL F 32 10.24 1.08 2.32
N GLY F 33 10.88 0.79 3.45
CA GLY F 33 12.31 0.53 3.47
C GLY F 33 12.63 -0.94 3.30
N ALA F 34 13.90 -1.24 3.03
CA ALA F 34 14.34 -2.61 2.89
C ALA F 34 14.51 -3.24 4.27
N LEU F 35 14.07 -4.48 4.41
CA LEU F 35 14.06 -5.14 5.71
C LEU F 35 15.14 -6.22 5.81
N GLN F 36 15.63 -6.43 7.03
CA GLN F 36 16.72 -7.36 7.26
C GLN F 36 16.80 -7.74 8.74
N TRP F 37 17.22 -8.98 9.00
CA TRP F 37 17.49 -9.42 10.37
C TRP F 37 18.98 -9.27 10.64
N THR F 38 19.32 -8.94 11.88
CA THR F 38 20.69 -9.10 12.36
C THR F 38 20.75 -10.19 13.44
N LYS F 39 21.83 -10.96 13.43
CA LYS F 39 22.13 -11.94 14.45
C LYS F 39 23.43 -11.55 15.13
N ASP F 40 23.36 -11.17 16.40
CA ASP F 40 24.50 -10.58 17.09
C ASP F 40 25.05 -9.40 16.29
N ASP F 41 24.15 -8.58 15.78
CA ASP F 41 24.53 -7.39 15.01
C ASP F 41 25.14 -7.71 13.65
N PHE F 42 25.00 -8.96 13.21
CA PHE F 42 25.46 -9.33 11.87
C PHE F 42 24.28 -9.45 10.91
N GLY F 43 24.27 -8.64 9.87
CA GLY F 43 23.17 -8.59 8.92
C GLY F 43 23.05 -9.87 8.12
N LEU F 44 21.86 -10.47 8.14
CA LEU F 44 21.62 -11.75 7.49
C LEU F 44 21.23 -11.64 6.01
N GLY F 45 20.83 -10.44 5.58
CA GLY F 45 20.53 -10.20 4.18
C GLY F 45 19.19 -9.52 3.95
N GLN F 46 19.16 -8.55 3.02
CA GLN F 46 17.92 -7.86 2.69
C GLN F 46 17.09 -8.59 1.63
N HIS F 47 15.83 -8.18 1.48
CA HIS F 47 14.95 -8.73 0.45
C HIS F 47 14.83 -10.25 0.52
N ARG F 48 14.85 -10.79 1.74
CA ARG F 48 14.68 -12.22 1.94
C ARG F 48 15.83 -13.02 1.37
N ASN F 49 16.87 -12.34 0.91
CA ASN F 49 18.03 -13.04 0.35
C ASN F 49 19.06 -13.33 1.43
N LEU F 50 18.93 -14.49 2.08
CA LEU F 50 19.82 -14.84 3.18
C LEU F 50 20.90 -15.82 2.73
N SER F 51 21.49 -15.52 1.56
CA SER F 51 22.51 -16.40 0.98
C SER F 51 23.67 -16.63 1.95
N GLY F 52 24.20 -17.84 1.94
CA GLY F 52 25.21 -18.24 2.90
C GLY F 52 24.61 -18.92 4.12
N PHE F 53 23.38 -18.56 4.47
CA PHE F 53 22.70 -19.18 5.63
C PHE F 53 21.63 -20.17 5.17
N GLU F 54 22.05 -21.40 4.94
CA GLU F 54 21.17 -22.39 4.33
C GLU F 54 19.99 -22.76 5.22
N ARG F 55 20.15 -22.59 6.53
CA ARG F 55 19.12 -23.00 7.48
C ARG F 55 18.20 -21.86 7.88
N TYR F 56 18.39 -20.68 7.29
CA TYR F 56 17.54 -19.54 7.63
C TYR F 56 16.58 -19.26 6.47
N SER F 57 15.37 -18.83 6.80
CA SER F 57 14.39 -18.50 5.78
C SER F 57 13.38 -17.48 6.26
N MET F 58 12.79 -16.75 5.30
CA MET F 58 11.75 -15.77 5.57
C MET F 58 10.66 -15.97 4.53
N VAL F 59 9.72 -16.88 4.83
CA VAL F 59 8.78 -17.38 3.83
C VAL F 59 7.43 -16.67 3.80
N GLY F 60 7.23 -15.70 4.69
CA GLY F 60 6.02 -14.90 4.69
C GLY F 60 5.88 -14.06 3.44
N SER F 61 4.72 -13.41 3.27
CA SER F 61 4.47 -12.63 2.08
C SER F 61 4.59 -11.14 2.37
N ASP F 62 5.07 -10.39 1.38
CA ASP F 62 5.21 -8.95 1.50
C ASP F 62 3.85 -8.26 1.62
N GLU F 63 2.85 -8.80 0.94
CA GLU F 63 1.50 -8.28 1.05
C GLU F 63 0.98 -8.42 2.48
N GLU F 64 1.39 -9.52 3.13
CA GLU F 64 1.01 -9.77 4.52
C GLU F 64 1.72 -8.80 5.48
N GLY F 65 2.91 -8.37 5.08
CA GLY F 65 3.79 -7.61 5.94
C GLY F 65 4.51 -8.55 6.88
N ASP F 66 4.60 -9.81 6.45
CA ASP F 66 5.20 -10.87 7.25
C ASP F 66 6.65 -11.14 6.85
N PHE F 67 7.57 -10.87 7.78
CA PHE F 67 9.00 -11.00 7.51
C PHE F 67 9.69 -11.80 8.61
N SER F 68 8.94 -12.69 9.24
CA SER F 68 9.46 -13.52 10.32
C SER F 68 10.62 -14.38 9.83
N LEU F 69 11.55 -14.66 10.74
CA LEU F 69 12.69 -15.53 10.44
C LEU F 69 12.44 -16.94 10.97
N ASP F 70 12.59 -17.93 10.08
CA ASP F 70 12.51 -19.34 10.44
C ASP F 70 13.90 -19.94 10.48
N ILE F 71 14.17 -20.75 11.50
CA ILE F 71 15.45 -21.43 11.61
C ILE F 71 15.24 -22.92 11.78
N TYR F 72 15.78 -23.71 10.85
CA TYR F 72 15.62 -25.15 10.92
C TYR F 72 16.64 -25.90 10.08
N PRO F 73 17.33 -26.87 10.68
CA PRO F 73 17.23 -27.24 12.08
C PRO F 73 18.07 -26.31 12.97
N LEU F 74 17.64 -26.16 14.22
CA LEU F 74 18.32 -25.27 15.17
C LEU F 74 19.65 -25.87 15.61
N MET F 75 20.65 -25.01 15.77
CA MET F 75 21.97 -25.45 16.23
C MET F 75 22.48 -24.53 17.34
N LEU F 76 23.58 -24.94 17.98
CA LEU F 76 24.18 -24.16 19.04
C LEU F 76 24.63 -22.80 18.50
N ASP F 77 25.17 -22.81 17.28
CA ASP F 77 25.58 -21.57 16.61
C ASP F 77 24.49 -20.52 16.63
N ASP F 78 23.22 -20.95 16.66
CA ASP F 78 22.11 -20.01 16.59
C ASP F 78 21.82 -19.31 17.92
N ASP F 79 22.53 -19.69 18.97
CA ASP F 79 22.35 -19.06 20.27
C ASP F 79 22.84 -17.61 20.19
N ALA F 80 21.91 -16.67 20.02
CA ALA F 80 22.29 -15.28 19.81
C ALA F 80 21.16 -14.28 20.03
N LYS F 81 21.45 -13.02 19.75
CA LYS F 81 20.52 -11.92 19.91
C LYS F 81 20.11 -11.42 18.53
N TYR F 82 18.82 -11.51 18.22
CA TYR F 82 18.29 -11.16 16.91
C TYR F 82 17.48 -9.87 16.93
N GLN F 83 17.54 -9.12 15.83
CA GLN F 83 16.75 -7.90 15.69
C GLN F 83 16.21 -7.72 14.28
N CYS F 84 14.97 -7.25 14.18
CA CYS F 84 14.36 -7.00 12.88
C CYS F 84 14.55 -5.54 12.52
N GLN F 85 15.13 -5.29 11.33
CA GLN F 85 15.52 -3.94 10.93
C GLN F 85 14.89 -3.51 9.60
N VAL F 86 14.27 -2.34 9.60
CA VAL F 86 13.75 -1.77 8.36
C VAL F 86 14.43 -0.44 8.06
N GLY F 87 15.16 -0.38 6.95
CA GLY F 87 15.87 0.82 6.56
C GLY F 87 14.95 1.95 6.13
N PRO F 88 15.55 3.11 5.77
CA PRO F 88 14.77 4.29 5.37
C PRO F 88 14.04 4.07 4.07
N GLY F 89 13.02 4.88 3.81
CA GLY F 89 12.28 4.82 2.56
C GLY F 89 12.87 5.73 1.51
N PRO F 90 12.23 5.79 0.33
CA PRO F 90 12.68 6.65 -0.75
C PRO F 90 12.25 8.10 -0.51
N GLN F 91 11.26 8.29 0.35
CA GLN F 91 10.74 9.62 0.64
C GLN F 91 11.13 10.11 2.03
N GLY F 92 12.31 9.67 2.49
CA GLY F 92 12.83 10.12 3.76
C GLY F 92 12.19 9.49 4.97
N GLU F 93 11.36 8.48 4.76
CA GLU F 93 10.78 7.74 5.87
C GLU F 93 11.91 7.10 6.67
N GLN F 94 12.00 7.47 7.95
CA GLN F 94 13.07 6.98 8.82
C GLN F 94 12.99 5.47 9.04
N GLY F 95 14.16 4.84 9.15
CA GLY F 95 14.24 3.42 9.43
C GLY F 95 13.80 3.12 10.84
N ILE F 96 13.58 1.83 11.12
CA ILE F 96 13.14 1.38 12.43
C ILE F 96 13.86 0.09 12.87
N ARG F 97 13.93 -0.13 14.18
CA ARG F 97 14.62 -1.30 14.73
C ARG F 97 13.78 -1.96 15.81
N SER F 98 13.46 -3.24 15.64
CA SER F 98 12.67 -3.97 16.63
C SER F 98 13.48 -4.15 17.90
N ARG F 99 12.82 -4.54 18.97
CA ARG F 99 13.51 -4.94 20.18
C ARG F 99 14.41 -6.13 19.87
N PHE F 100 15.44 -6.34 20.68
CA PHE F 100 16.27 -7.53 20.54
C PHE F 100 15.58 -8.75 21.16
N ALA F 101 15.66 -9.88 20.46
CA ALA F 101 15.13 -11.13 20.98
C ALA F 101 16.30 -12.08 21.24
N LYS F 102 16.36 -12.61 22.45
CA LYS F 102 17.41 -13.55 22.83
C LYS F 102 16.97 -14.98 22.60
N LEU F 103 17.73 -15.72 21.78
CA LEU F 103 17.40 -17.10 21.46
C LEU F 103 18.32 -18.08 22.17
N THR F 104 17.77 -18.86 23.09
CA THR F 104 18.54 -19.81 23.87
C THR F 104 18.43 -21.23 23.32
N VAL F 105 19.57 -21.86 23.08
CA VAL F 105 19.57 -23.19 22.48
C VAL F 105 20.02 -24.27 23.46
N LEU F 106 19.10 -25.15 23.81
CA LEU F 106 19.36 -26.22 24.77
C LEU F 106 19.70 -27.52 24.08
N VAL F 107 20.65 -28.27 24.66
CA VAL F 107 20.96 -29.61 24.19
C VAL F 107 20.04 -30.61 24.88
N PRO F 108 19.46 -31.55 24.12
CA PRO F 108 18.55 -32.56 24.70
C PRO F 108 19.29 -33.53 25.62
N GLY G 4 -26.68 -23.67 -40.08
CA GLY G 4 -25.38 -23.72 -39.43
C GLY G 4 -25.46 -24.18 -37.98
N GLN G 5 -24.31 -24.22 -37.32
CA GLN G 5 -24.25 -24.66 -35.92
C GLN G 5 -25.03 -23.72 -35.00
N HIS G 6 -25.84 -24.29 -34.12
CA HIS G 6 -26.61 -23.52 -33.15
C HIS G 6 -26.91 -24.35 -31.91
N PHE G 7 -27.33 -23.68 -30.84
CA PHE G 7 -27.59 -24.38 -29.58
C PHE G 7 -29.01 -24.94 -29.50
N ALA G 8 -29.12 -26.20 -29.13
CA ALA G 8 -30.42 -26.81 -28.85
C ALA G 8 -30.63 -26.82 -27.34
N MET G 9 -29.55 -26.61 -26.61
CA MET G 9 -29.58 -26.62 -25.15
C MET G 9 -28.45 -25.75 -24.61
N GLU G 10 -28.79 -24.83 -23.72
CA GLU G 10 -27.80 -23.93 -23.14
C GLU G 10 -27.87 -23.97 -21.61
N PRO G 11 -26.73 -23.70 -20.96
CA PRO G 11 -26.65 -23.77 -19.49
C PRO G 11 -27.49 -22.69 -18.82
N GLN G 12 -27.95 -22.98 -17.61
CA GLN G 12 -28.72 -22.02 -16.83
C GLN G 12 -28.13 -21.92 -15.43
N ASP G 13 -28.38 -20.80 -14.78
CA ASP G 13 -27.93 -20.62 -13.40
C ASP G 13 -28.26 -21.85 -12.57
N GLN G 14 -27.33 -22.25 -11.70
CA GLN G 14 -27.56 -23.37 -10.80
C GLN G 14 -27.02 -23.06 -9.41
N THR G 15 -27.73 -23.54 -8.41
CA THR G 15 -27.26 -23.47 -7.03
C THR G 15 -27.11 -24.87 -6.47
N ALA G 16 -25.92 -25.18 -5.96
CA ALA G 16 -25.65 -26.52 -5.45
C ALA G 16 -24.68 -26.48 -4.28
N VAL G 17 -24.63 -27.59 -3.56
CA VAL G 17 -23.87 -27.68 -2.32
C VAL G 17 -22.53 -28.38 -2.56
N VAL G 18 -21.51 -27.92 -1.87
CA VAL G 18 -20.22 -28.59 -1.89
C VAL G 18 -20.39 -30.10 -1.78
N GLY G 19 -19.66 -30.85 -2.60
CA GLY G 19 -19.66 -32.29 -2.52
C GLY G 19 -20.60 -32.98 -3.51
N SER G 20 -21.54 -32.22 -4.07
CA SER G 20 -22.50 -32.78 -5.02
C SER G 20 -21.94 -32.83 -6.43
N ARG G 21 -22.72 -33.39 -7.35
CA ARG G 21 -22.41 -33.32 -8.77
C ARG G 21 -23.25 -32.24 -9.42
N VAL G 22 -22.64 -31.52 -10.35
CA VAL G 22 -23.37 -30.53 -11.15
C VAL G 22 -23.09 -30.77 -12.62
N THR G 23 -24.13 -30.71 -13.43
CA THR G 23 -23.94 -30.85 -14.86
C THR G 23 -24.57 -29.67 -15.60
N LEU G 24 -23.72 -28.86 -16.25
CA LEU G 24 -24.21 -27.74 -17.04
C LEU G 24 -24.42 -28.18 -18.48
N PRO G 25 -25.67 -28.10 -18.96
CA PRO G 25 -26.04 -28.61 -20.28
C PRO G 25 -25.51 -27.77 -21.43
N CYS G 26 -25.05 -28.44 -22.48
CA CYS G 26 -24.74 -27.77 -23.73
C CYS G 26 -24.92 -28.73 -24.88
N ARG G 27 -25.85 -28.42 -25.78
CA ARG G 27 -26.07 -29.26 -26.95
C ARG G 27 -26.04 -28.43 -28.23
N VAL G 28 -25.28 -28.90 -29.20
CA VAL G 28 -25.14 -28.20 -30.48
C VAL G 28 -25.54 -29.10 -31.63
N MET G 29 -26.53 -28.67 -32.38
CA MET G 29 -26.94 -29.37 -33.60
C MET G 29 -26.19 -28.79 -34.80
N GLU G 30 -25.79 -29.66 -35.72
CA GLU G 30 -25.02 -29.24 -36.90
C GLU G 30 -23.69 -28.60 -36.51
N LYS G 31 -23.10 -29.06 -35.41
CA LYS G 31 -21.84 -28.53 -34.93
C LYS G 31 -20.74 -28.65 -35.99
N VAL G 32 -20.04 -27.56 -36.25
CA VAL G 32 -18.98 -27.54 -37.24
C VAL G 32 -17.62 -27.19 -36.63
N GLY G 33 -17.62 -26.24 -35.70
CA GLY G 33 -16.39 -25.79 -35.06
C GLY G 33 -16.10 -26.51 -33.75
N ALA G 34 -14.95 -26.21 -33.15
CA ALA G 34 -14.53 -26.84 -31.91
C ALA G 34 -15.18 -26.17 -30.72
N LEU G 35 -15.73 -26.98 -29.82
CA LEU G 35 -16.46 -26.46 -28.66
C LEU G 35 -15.60 -26.40 -27.41
N GLN G 36 -15.88 -25.40 -26.57
CA GLN G 36 -15.14 -25.20 -25.32
C GLN G 36 -15.99 -24.46 -24.28
N TRP G 37 -15.79 -24.77 -23.02
CA TRP G 37 -16.42 -24.00 -21.94
C TRP G 37 -15.46 -22.95 -21.41
N THR G 38 -16.00 -21.82 -20.99
CA THR G 38 -15.22 -20.85 -20.24
C THR G 38 -15.75 -20.71 -18.83
N LYS G 39 -14.83 -20.52 -17.89
CA LYS G 39 -15.18 -20.30 -16.51
C LYS G 39 -14.55 -18.98 -16.09
N ASP G 40 -15.39 -18.01 -15.73
CA ASP G 40 -14.91 -16.65 -15.50
C ASP G 40 -14.02 -16.20 -16.67
N ASP G 41 -14.48 -16.50 -17.87
CA ASP G 41 -13.80 -16.08 -19.10
C ASP G 41 -12.49 -16.82 -19.33
N PHE G 42 -12.28 -17.92 -18.61
CA PHE G 42 -11.08 -18.73 -18.75
C PHE G 42 -11.37 -20.06 -19.45
N GLY G 43 -10.77 -20.24 -20.63
CA GLY G 43 -10.97 -21.46 -21.40
C GLY G 43 -10.52 -22.71 -20.68
N LEU G 44 -11.40 -23.70 -20.59
CA LEU G 44 -11.11 -24.94 -19.87
C LEU G 44 -10.47 -26.02 -20.72
N GLY G 45 -10.58 -25.87 -22.04
CA GLY G 45 -10.02 -26.86 -22.96
C GLY G 45 -11.04 -27.37 -23.96
N GLN G 46 -10.54 -28.03 -25.01
CA GLN G 46 -11.40 -28.46 -26.10
C GLN G 46 -11.52 -29.98 -26.22
N HIS G 47 -10.98 -30.70 -25.25
CA HIS G 47 -11.13 -32.15 -25.17
C HIS G 47 -12.03 -32.54 -24.01
N ARG G 48 -12.78 -33.62 -24.18
CA ARG G 48 -13.75 -34.03 -23.17
C ARG G 48 -13.14 -34.31 -21.79
N ASN G 49 -11.89 -34.75 -21.75
CA ASN G 49 -11.26 -35.07 -20.47
C ASN G 49 -10.73 -33.85 -19.71
N LEU G 50 -10.77 -32.69 -20.36
CA LEU G 50 -10.34 -31.43 -19.74
C LEU G 50 -9.20 -31.61 -18.73
N SER G 51 -8.07 -32.12 -19.21
CA SER G 51 -6.88 -32.25 -18.38
C SER G 51 -6.49 -30.90 -17.80
N GLY G 52 -5.99 -30.90 -16.57
CA GLY G 52 -5.68 -29.67 -15.88
C GLY G 52 -6.78 -29.32 -14.90
N PHE G 53 -7.99 -29.76 -15.22
CA PHE G 53 -9.11 -29.61 -14.31
C PHE G 53 -9.63 -31.00 -13.94
N GLU G 54 -9.02 -31.57 -12.90
CA GLU G 54 -9.23 -32.97 -12.56
C GLU G 54 -10.69 -33.33 -12.27
N ARG G 55 -11.49 -32.36 -11.82
CA ARG G 55 -12.88 -32.63 -11.44
C ARG G 55 -13.88 -32.34 -12.56
N TYR G 56 -13.38 -31.90 -13.70
CA TYR G 56 -14.24 -31.52 -14.83
C TYR G 56 -14.13 -32.50 -16.00
N SER G 57 -15.21 -32.60 -16.75
CA SER G 57 -15.22 -33.37 -17.99
C SER G 57 -16.41 -32.91 -18.83
N MET G 58 -16.36 -33.17 -20.13
CA MET G 58 -17.49 -32.87 -21.01
C MET G 58 -18.20 -34.16 -21.39
N VAL G 59 -19.39 -34.36 -20.83
CA VAL G 59 -20.15 -35.59 -21.05
C VAL G 59 -21.12 -35.46 -22.21
N GLY G 60 -21.66 -36.59 -22.64
CA GLY G 60 -22.54 -36.63 -23.79
C GLY G 60 -21.85 -37.26 -24.98
N SER G 61 -22.61 -37.56 -26.02
CA SER G 61 -22.06 -38.16 -27.23
C SER G 61 -21.90 -37.11 -28.32
N ASP G 62 -20.89 -37.30 -29.17
CA ASP G 62 -20.66 -36.37 -30.27
C ASP G 62 -21.79 -36.48 -31.29
N GLU G 63 -22.46 -37.63 -31.32
CA GLU G 63 -23.55 -37.87 -32.25
C GLU G 63 -24.74 -36.96 -31.96
N GLU G 64 -25.07 -36.82 -30.69
CA GLU G 64 -26.19 -35.98 -30.28
C GLU G 64 -25.76 -34.53 -30.09
N GLY G 65 -24.46 -34.29 -30.24
CA GLY G 65 -23.91 -32.95 -30.11
C GLY G 65 -23.93 -32.47 -28.68
N ASP G 66 -23.83 -33.41 -27.74
CA ASP G 66 -23.93 -33.11 -26.32
C ASP G 66 -22.56 -32.95 -25.66
N PHE G 67 -22.29 -31.74 -25.15
CA PHE G 67 -21.04 -31.49 -24.44
C PHE G 67 -21.29 -30.80 -23.11
N SER G 68 -22.13 -31.40 -22.28
CA SER G 68 -22.41 -30.84 -20.97
C SER G 68 -21.17 -30.88 -20.09
N LEU G 69 -20.91 -29.79 -19.39
CA LEU G 69 -19.78 -29.73 -18.46
C LEU G 69 -20.17 -30.42 -17.17
N ASP G 70 -19.48 -31.52 -16.86
CA ASP G 70 -19.78 -32.30 -15.67
C ASP G 70 -18.78 -32.01 -14.57
N ILE G 71 -19.29 -31.64 -13.40
CA ILE G 71 -18.42 -31.30 -12.27
C ILE G 71 -18.72 -32.16 -11.05
N TYR G 72 -17.73 -32.93 -10.62
CA TYR G 72 -17.82 -33.69 -9.38
C TYR G 72 -16.43 -34.02 -8.83
N PRO G 73 -16.23 -33.81 -7.51
CA PRO G 73 -17.21 -33.26 -6.58
C PRO G 73 -17.20 -31.73 -6.59
N LEU G 74 -18.36 -31.12 -6.38
CA LEU G 74 -18.46 -29.66 -6.44
C LEU G 74 -17.67 -29.00 -5.32
N MET G 75 -16.97 -27.92 -5.65
CA MET G 75 -16.19 -27.18 -4.66
C MET G 75 -16.46 -25.69 -4.77
N LEU G 76 -16.21 -24.97 -3.68
CA LEU G 76 -16.45 -23.53 -3.64
C LEU G 76 -15.69 -22.81 -4.76
N ASP G 77 -14.58 -23.38 -5.19
CA ASP G 77 -13.78 -22.81 -6.26
C ASP G 77 -14.50 -22.90 -7.61
N ASP G 78 -15.61 -23.64 -7.65
CA ASP G 78 -16.41 -23.80 -8.86
C ASP G 78 -17.46 -22.69 -8.97
N ASP G 79 -17.61 -21.90 -7.90
CA ASP G 79 -18.54 -20.78 -7.91
C ASP G 79 -18.07 -19.80 -8.98
N ALA G 80 -18.83 -19.68 -10.07
CA ALA G 80 -18.35 -18.92 -11.21
C ALA G 80 -19.36 -18.79 -12.34
N LYS G 81 -18.98 -18.00 -13.34
CA LYS G 81 -19.78 -17.80 -14.54
C LYS G 81 -19.28 -18.71 -15.65
N TYR G 82 -20.19 -19.48 -16.24
CA TYR G 82 -19.82 -20.44 -17.28
C TYR G 82 -20.48 -20.10 -18.61
N GLN G 83 -19.76 -20.33 -19.70
CA GLN G 83 -20.32 -20.13 -21.04
C GLN G 83 -19.88 -21.26 -21.97
N CYS G 84 -20.79 -21.66 -22.85
CA CYS G 84 -20.50 -22.69 -23.84
C CYS G 84 -20.17 -22.03 -25.17
N GLN G 85 -19.02 -22.36 -25.74
CA GLN G 85 -18.56 -21.69 -26.96
C GLN G 85 -18.23 -22.69 -28.06
N VAL G 86 -18.56 -22.34 -29.29
CA VAL G 86 -18.21 -23.15 -30.44
C VAL G 86 -17.48 -22.31 -31.48
N GLY G 87 -16.20 -22.63 -31.71
CA GLY G 87 -15.40 -21.92 -32.69
C GLY G 87 -15.96 -22.00 -34.10
N PRO G 88 -15.42 -21.19 -35.01
CA PRO G 88 -15.88 -21.13 -36.40
C PRO G 88 -15.53 -22.40 -37.17
N GLY G 89 -16.34 -22.73 -38.17
CA GLY G 89 -16.09 -23.88 -39.01
C GLY G 89 -15.06 -23.57 -40.09
N PRO G 90 -14.55 -24.63 -40.74
CA PRO G 90 -13.53 -24.51 -41.79
C PRO G 90 -14.03 -23.78 -43.03
N GLN G 91 -15.30 -23.96 -43.39
CA GLN G 91 -15.86 -23.32 -44.57
C GLN G 91 -16.29 -21.87 -44.32
N GLY G 92 -16.12 -21.41 -43.09
CA GLY G 92 -16.44 -20.04 -42.74
C GLY G 92 -17.68 -19.89 -41.87
N GLU G 93 -18.20 -21.01 -41.38
CA GLU G 93 -19.33 -20.98 -40.47
C GLU G 93 -18.95 -20.16 -39.24
N GLN G 94 -19.72 -19.12 -38.95
CA GLN G 94 -19.42 -18.25 -37.81
C GLN G 94 -19.56 -18.98 -36.47
N GLY G 95 -18.77 -18.56 -35.49
CA GLY G 95 -18.78 -19.17 -34.18
C GLY G 95 -19.94 -18.69 -33.34
N ILE G 96 -20.38 -19.53 -32.41
CA ILE G 96 -21.52 -19.18 -31.56
C ILE G 96 -21.15 -19.19 -30.07
N ARG G 97 -21.86 -18.38 -29.29
CA ARG G 97 -21.62 -18.31 -27.85
C ARG G 97 -22.93 -18.41 -27.07
N SER G 98 -22.99 -19.33 -26.12
CA SER G 98 -24.21 -19.54 -25.35
C SER G 98 -24.37 -18.45 -24.30
N ARG G 99 -25.55 -18.39 -23.69
CA ARG G 99 -25.78 -17.51 -22.56
C ARG G 99 -24.81 -17.87 -21.44
N PHE G 100 -24.53 -16.92 -20.55
CA PHE G 100 -23.73 -17.21 -19.38
C PHE G 100 -24.58 -17.84 -18.28
N ALA G 101 -23.98 -18.77 -17.54
CA ALA G 101 -24.65 -19.40 -16.40
C ALA G 101 -23.85 -19.21 -15.11
N LYS G 102 -24.51 -18.66 -14.10
CA LYS G 102 -23.88 -18.46 -12.80
C LYS G 102 -24.08 -19.70 -11.92
N LEU G 103 -22.99 -20.39 -11.62
CA LEU G 103 -23.02 -21.51 -10.71
C LEU G 103 -22.73 -21.06 -9.28
N THR G 104 -23.71 -21.17 -8.42
CA THR G 104 -23.56 -20.77 -7.02
C THR G 104 -23.33 -21.99 -6.14
N VAL G 105 -22.19 -22.03 -5.46
CA VAL G 105 -21.85 -23.14 -4.58
C VAL G 105 -22.08 -22.76 -3.12
N LEU G 106 -22.84 -23.59 -2.41
CA LEU G 106 -23.14 -23.35 -1.01
C LEU G 106 -22.47 -24.40 -0.13
N VAL G 107 -22.09 -24.01 1.08
CA VAL G 107 -21.59 -24.97 2.05
C VAL G 107 -22.76 -25.74 2.67
N PRO G 108 -22.49 -26.97 3.15
CA PRO G 108 -23.52 -27.77 3.81
C PRO G 108 -24.01 -27.10 5.09
N HIS G 109 -25.21 -27.43 5.53
CA HIS G 109 -25.79 -26.85 6.74
C HIS G 109 -24.81 -26.84 7.92
N GLY H 4 7.84 -21.88 -10.71
CA GLY H 4 6.46 -21.94 -11.16
C GLY H 4 6.23 -21.07 -12.39
N GLN H 5 5.44 -21.58 -13.33
CA GLN H 5 5.18 -20.87 -14.59
C GLN H 5 4.74 -19.43 -14.38
N HIS H 6 5.26 -18.52 -15.21
CA HIS H 6 4.94 -17.11 -15.09
C HIS H 6 5.18 -16.39 -16.41
N PHE H 7 4.72 -15.15 -16.51
CA PHE H 7 4.88 -14.37 -17.72
C PHE H 7 6.18 -13.56 -17.70
N ALA H 8 7.04 -13.81 -18.67
CA ALA H 8 8.23 -12.99 -18.86
C ALA H 8 7.88 -11.80 -19.73
N MET H 9 6.86 -11.98 -20.57
CA MET H 9 6.37 -10.91 -21.43
C MET H 9 4.86 -10.99 -21.59
N GLU H 10 4.19 -9.86 -21.40
CA GLU H 10 2.74 -9.79 -21.55
C GLU H 10 2.36 -8.83 -22.67
N PRO H 11 1.18 -9.04 -23.26
CA PRO H 11 0.74 -8.14 -24.35
C PRO H 11 0.39 -6.75 -23.84
N GLN H 12 0.86 -5.73 -24.53
CA GLN H 12 0.49 -4.35 -24.22
C GLN H 12 -0.46 -3.83 -25.28
N ASP H 13 -1.17 -2.75 -24.95
CA ASP H 13 -2.11 -2.14 -25.88
C ASP H 13 -1.43 -1.73 -27.19
N GLN H 14 -2.08 -2.02 -28.31
CA GLN H 14 -1.56 -1.64 -29.62
C GLN H 14 -2.65 -1.03 -30.49
N THR H 15 -2.21 -0.28 -31.50
CA THR H 15 -3.08 0.24 -32.54
C THR H 15 -2.41 -0.06 -33.88
N ALA H 16 -3.21 -0.37 -34.89
CA ALA H 16 -2.65 -0.74 -36.19
C ALA H 16 -3.67 -0.58 -37.31
N VAL H 17 -3.17 -0.53 -38.54
CA VAL H 17 -4.00 -0.30 -39.72
C VAL H 17 -4.49 -1.61 -40.33
N VAL H 18 -5.70 -1.59 -40.88
CA VAL H 18 -6.21 -2.72 -41.63
C VAL H 18 -5.18 -3.13 -42.66
N GLY H 19 -4.97 -4.43 -42.80
CA GLY H 19 -4.07 -4.96 -43.81
C GLY H 19 -2.69 -5.30 -43.29
N SER H 20 -2.31 -4.72 -42.17
CA SER H 20 -0.99 -4.96 -41.60
C SER H 20 -0.92 -6.28 -40.83
N ARG H 21 0.28 -6.67 -40.42
CA ARG H 21 0.46 -7.83 -39.57
C ARG H 21 0.74 -7.39 -38.14
N VAL H 22 -0.07 -7.90 -37.21
CA VAL H 22 0.06 -7.55 -35.80
C VAL H 22 0.58 -8.73 -34.99
N THR H 23 1.50 -8.46 -34.07
CA THR H 23 1.99 -9.47 -33.15
C THR H 23 1.71 -9.06 -31.72
N LEU H 24 0.81 -9.77 -31.07
CA LEU H 24 0.55 -9.57 -29.65
C LEU H 24 1.41 -10.54 -28.85
N PRO H 25 2.44 -10.02 -28.16
CA PRO H 25 3.45 -10.84 -27.50
C PRO H 25 2.96 -11.57 -26.25
N CYS H 26 3.49 -12.77 -26.04
CA CYS H 26 3.25 -13.51 -24.80
C CYS H 26 4.34 -14.56 -24.64
N ARG H 27 5.09 -14.44 -23.55
CA ARG H 27 6.20 -15.36 -23.30
C ARG H 27 6.08 -15.90 -21.88
N VAL H 28 6.05 -17.23 -21.77
CA VAL H 28 5.88 -17.88 -20.48
C VAL H 28 7.10 -18.70 -20.13
N MET H 29 7.61 -18.49 -18.93
CA MET H 29 8.71 -19.29 -18.40
C MET H 29 8.17 -20.44 -17.55
N GLU H 30 8.85 -21.57 -17.58
CA GLU H 30 8.48 -22.74 -16.78
C GLU H 30 7.04 -23.16 -17.02
N LYS H 31 6.57 -23.06 -18.27
CA LYS H 31 5.19 -23.40 -18.59
C LYS H 31 4.89 -24.87 -18.28
N VAL H 32 3.80 -25.10 -17.55
CA VAL H 32 3.40 -26.46 -17.19
C VAL H 32 2.05 -26.81 -17.79
N GLY H 33 1.18 -25.82 -17.95
CA GLY H 33 -0.16 -26.04 -18.48
C GLY H 33 -0.31 -25.65 -19.95
N ALA H 34 -1.51 -25.89 -20.48
CA ALA H 34 -1.81 -25.59 -21.88
C ALA H 34 -2.12 -24.11 -22.08
N LEU H 35 -1.49 -23.51 -23.08
CA LEU H 35 -1.68 -22.08 -23.32
C LEU H 35 -2.73 -21.80 -24.39
N GLN H 36 -3.43 -20.68 -24.23
CA GLN H 36 -4.48 -20.30 -25.17
C GLN H 36 -4.71 -18.80 -25.08
N TRP H 37 -5.15 -18.20 -26.20
CA TRP H 37 -5.54 -16.80 -26.20
C TRP H 37 -7.06 -16.68 -26.18
N THR H 38 -7.55 -15.60 -25.60
CA THR H 38 -8.96 -15.25 -25.76
C THR H 38 -9.09 -13.88 -26.43
N LYS H 39 -10.08 -13.76 -27.30
CA LYS H 39 -10.41 -12.50 -27.94
C LYS H 39 -11.83 -12.15 -27.55
N ASP H 40 -12.01 -11.07 -26.79
CA ASP H 40 -13.30 -10.75 -26.19
C ASP H 40 -13.80 -11.95 -25.39
N ASP H 41 -12.88 -12.58 -24.66
CA ASP H 41 -13.22 -13.71 -23.81
C ASP H 41 -13.64 -14.95 -24.58
N PHE H 42 -13.31 -15.00 -25.87
CA PHE H 42 -13.60 -16.16 -26.69
C PHE H 42 -12.30 -16.95 -26.93
N GLY H 43 -12.30 -18.22 -26.51
CA GLY H 43 -11.12 -19.06 -26.66
C GLY H 43 -10.76 -19.31 -28.11
N LEU H 44 -9.50 -19.07 -28.47
CA LEU H 44 -9.07 -19.19 -29.85
C LEU H 44 -8.47 -20.56 -30.20
N GLY H 45 -8.11 -21.33 -29.17
CA GLY H 45 -7.58 -22.66 -29.38
C GLY H 45 -6.36 -22.93 -28.52
N GLN H 46 -6.14 -24.20 -28.18
CA GLN H 46 -4.98 -24.59 -27.39
C GLN H 46 -3.95 -25.28 -28.28
N HIS H 47 -2.76 -25.49 -27.74
CA HIS H 47 -1.70 -26.18 -28.47
C HIS H 47 -1.48 -25.58 -29.87
N ARG H 48 -1.52 -24.26 -29.95
CA ARG H 48 -1.26 -23.53 -31.20
C ARG H 48 -2.24 -23.87 -32.32
N ASN H 49 -3.26 -24.66 -32.01
CA ASN H 49 -4.27 -25.02 -33.01
C ASN H 49 -5.41 -24.02 -33.05
N LEU H 50 -5.31 -23.05 -33.94
CA LEU H 50 -6.33 -22.00 -34.05
C LEU H 50 -7.25 -22.21 -35.26
N SER H 51 -7.59 -23.47 -35.53
CA SER H 51 -8.47 -23.80 -36.64
C SER H 51 -9.77 -23.01 -36.56
N GLY H 52 -10.20 -22.50 -37.71
CA GLY H 52 -11.41 -21.70 -37.77
C GLY H 52 -11.06 -20.23 -37.93
N PHE H 53 -9.94 -19.84 -37.34
CA PHE H 53 -9.42 -18.50 -37.47
C PHE H 53 -8.26 -18.52 -38.45
N GLU H 54 -8.57 -18.32 -39.73
CA GLU H 54 -7.62 -18.53 -40.81
C GLU H 54 -6.55 -17.44 -40.87
N ARG H 55 -6.74 -16.39 -40.09
CA ARG H 55 -5.83 -15.26 -40.09
C ARG H 55 -4.99 -15.20 -38.82
N TYR H 56 -5.28 -16.07 -37.86
CA TYR H 56 -4.54 -16.11 -36.61
C TYR H 56 -3.54 -17.26 -36.61
N SER H 57 -2.39 -17.06 -35.97
CA SER H 57 -1.39 -18.12 -35.86
C SER H 57 -0.49 -17.92 -34.64
N MET H 58 0.18 -18.99 -34.25
CA MET H 58 1.13 -18.95 -33.14
C MET H 58 2.36 -19.76 -33.51
N VAL H 59 3.32 -19.11 -34.16
CA VAL H 59 4.43 -19.83 -34.79
C VAL H 59 5.72 -19.87 -33.97
N GLY H 60 5.72 -19.23 -32.81
CA GLY H 60 6.89 -19.25 -31.93
C GLY H 60 7.27 -20.65 -31.48
N SER H 61 8.41 -20.77 -30.82
CA SER H 61 8.90 -22.08 -30.39
C SER H 61 8.55 -22.39 -28.94
N ASP H 62 8.01 -23.58 -28.71
CA ASP H 62 7.60 -24.02 -27.37
C ASP H 62 8.75 -23.95 -26.38
N GLU H 63 9.97 -24.20 -26.88
CA GLU H 63 11.14 -24.27 -26.00
C GLU H 63 11.68 -22.88 -25.66
N GLU H 64 11.30 -21.87 -26.45
CA GLU H 64 11.64 -20.48 -26.14
C GLU H 64 10.62 -19.84 -25.21
N GLY H 65 9.49 -20.54 -25.01
CA GLY H 65 8.41 -20.01 -24.21
C GLY H 65 7.63 -18.94 -24.95
N ASP H 66 7.79 -18.91 -26.28
CA ASP H 66 7.12 -17.92 -27.12
C ASP H 66 5.78 -18.41 -27.64
N PHE H 67 4.72 -17.75 -27.21
CA PHE H 67 3.37 -18.10 -27.66
C PHE H 67 2.64 -16.87 -28.16
N SER H 68 3.39 -15.96 -28.75
CA SER H 68 2.84 -14.72 -29.29
C SER H 68 1.76 -15.02 -30.32
N LEU H 69 0.82 -14.09 -30.46
CA LEU H 69 -0.28 -14.22 -31.42
C LEU H 69 -0.07 -13.32 -32.62
N ASP H 70 -0.01 -13.92 -33.80
CA ASP H 70 0.14 -13.17 -35.03
C ASP H 70 -1.16 -13.08 -35.80
N ILE H 71 -1.55 -11.86 -36.16
CA ILE H 71 -2.75 -11.65 -36.97
C ILE H 71 -2.35 -11.02 -38.31
N TYR H 72 -2.82 -11.61 -39.40
CA TYR H 72 -2.55 -11.09 -40.74
C TYR H 72 -3.38 -11.75 -41.83
N PRO H 73 -4.06 -10.93 -42.64
CA PRO H 73 -4.03 -9.48 -42.53
C PRO H 73 -5.01 -8.96 -41.49
N LEU H 74 -4.62 -7.91 -40.78
CA LEU H 74 -5.47 -7.30 -39.77
C LEU H 74 -6.77 -6.82 -40.41
N MET H 75 -7.89 -7.14 -39.79
CA MET H 75 -9.19 -6.65 -40.24
C MET H 75 -9.93 -5.93 -39.13
N LEU H 76 -10.97 -5.20 -39.48
CA LEU H 76 -11.73 -4.44 -38.50
C LEU H 76 -12.37 -5.36 -37.46
N ASP H 77 -12.63 -6.58 -37.88
CA ASP H 77 -13.20 -7.60 -37.00
C ASP H 77 -12.25 -7.95 -35.85
N ASP H 78 -10.98 -7.56 -36.00
CA ASP H 78 -9.96 -7.90 -35.01
C ASP H 78 -9.91 -6.93 -33.84
N ASP H 79 -10.61 -5.80 -33.96
CA ASP H 79 -10.65 -4.84 -32.87
C ASP H 79 -11.32 -5.48 -31.65
N ALA H 80 -10.51 -5.83 -30.66
CA ALA H 80 -11.00 -6.58 -29.52
C ALA H 80 -10.02 -6.53 -28.37
N LYS H 81 -10.45 -7.09 -27.24
CA LYS H 81 -9.61 -7.22 -26.07
C LYS H 81 -8.99 -8.62 -26.07
N TYR H 82 -7.69 -8.70 -25.83
CA TYR H 82 -6.98 -9.98 -25.90
C TYR H 82 -6.29 -10.36 -24.58
N GLN H 83 -6.29 -11.65 -24.27
CA GLN H 83 -5.67 -12.15 -23.05
C GLN H 83 -4.92 -13.47 -23.29
N CYS H 84 -3.76 -13.60 -22.67
CA CYS H 84 -2.95 -14.80 -22.77
C CYS H 84 -3.15 -15.66 -21.54
N GLN H 85 -3.66 -16.88 -21.73
CA GLN H 85 -4.06 -17.73 -20.61
C GLN H 85 -3.28 -19.04 -20.58
N VAL H 86 -2.71 -19.36 -19.41
CA VAL H 86 -2.06 -20.64 -19.23
C VAL H 86 -2.85 -21.46 -18.22
N GLY H 87 -3.23 -22.68 -18.63
CA GLY H 87 -4.00 -23.55 -17.77
C GLY H 87 -3.17 -24.14 -16.64
N PRO H 88 -3.84 -24.92 -15.76
CA PRO H 88 -3.19 -25.56 -14.62
C PRO H 88 -2.26 -26.69 -15.04
N GLY H 89 -1.30 -27.02 -14.19
CA GLY H 89 -0.39 -28.11 -14.45
C GLY H 89 -0.92 -29.43 -13.92
N PRO H 90 -0.24 -30.53 -14.26
CA PRO H 90 -0.63 -31.88 -13.85
C PRO H 90 -0.40 -32.16 -12.36
N GLN H 91 0.45 -31.38 -11.70
CA GLN H 91 0.77 -31.62 -10.30
C GLN H 91 0.15 -30.58 -9.36
N GLY H 92 -0.82 -29.82 -9.86
CA GLY H 92 -1.52 -28.85 -9.04
C GLY H 92 -1.15 -27.41 -9.35
N GLU H 93 -0.23 -27.23 -10.30
CA GLU H 93 0.19 -25.91 -10.74
C GLU H 93 -1.00 -25.06 -11.14
N GLN H 94 -1.17 -23.92 -10.49
CA GLN H 94 -2.31 -23.05 -10.79
C GLN H 94 -2.09 -22.28 -12.09
N GLY H 95 -3.17 -22.00 -12.80
CA GLY H 95 -3.10 -21.31 -14.08
C GLY H 95 -2.73 -19.85 -13.92
N ILE H 96 -2.42 -19.19 -15.03
CA ILE H 96 -2.13 -17.76 -15.02
C ILE H 96 -2.83 -17.04 -16.17
N ARG H 97 -3.16 -15.78 -15.93
CA ARG H 97 -3.85 -14.96 -16.93
C ARG H 97 -3.11 -13.63 -17.09
N SER H 98 -2.70 -13.32 -18.31
CA SER H 98 -2.00 -12.07 -18.57
C SER H 98 -2.98 -10.90 -18.49
N ARG H 99 -2.45 -9.69 -18.63
CA ARG H 99 -3.32 -8.52 -18.68
C ARG H 99 -4.13 -8.57 -19.97
N PHE H 100 -5.26 -7.88 -19.99
CA PHE H 100 -6.04 -7.71 -21.20
C PHE H 100 -5.42 -6.61 -22.04
N ALA H 101 -5.07 -6.95 -23.28
CA ALA H 101 -4.50 -5.97 -24.20
C ALA H 101 -5.54 -5.52 -25.22
N LYS H 102 -5.83 -4.23 -25.23
CA LYS H 102 -6.76 -3.69 -26.22
C LYS H 102 -6.06 -3.50 -27.56
N LEU H 103 -6.57 -4.17 -28.59
CA LEU H 103 -6.07 -3.98 -29.95
C LEU H 103 -7.02 -3.07 -30.71
N THR H 104 -6.53 -1.90 -31.10
CA THR H 104 -7.35 -0.93 -31.82
C THR H 104 -7.04 -0.97 -33.32
N VAL H 105 -8.06 -1.20 -34.13
CA VAL H 105 -7.89 -1.30 -35.57
C VAL H 105 -8.40 -0.06 -36.29
N LEU H 106 -7.54 0.52 -37.13
CA LEU H 106 -7.86 1.74 -37.85
C LEU H 106 -8.11 1.49 -39.33
N VAL H 107 -9.03 2.25 -39.91
CA VAL H 107 -9.32 2.16 -41.34
C VAL H 107 -9.14 3.51 -42.02
N PRO H 108 -8.16 3.59 -42.93
CA PRO H 108 -7.90 4.80 -43.71
C PRO H 108 -9.08 5.18 -44.61
NA NA I . 13.32 33.17 17.06
C1 NAG J . 7.45 37.32 21.55
C2 NAG J . 7.97 38.26 22.63
C3 NAG J . 7.25 38.03 23.95
C4 NAG J . 5.74 38.10 23.76
C5 NAG J . 5.31 37.22 22.60
C6 NAG J . 3.84 37.46 22.26
C7 NAG J . 10.24 39.16 22.79
C8 NAG J . 11.68 38.90 23.10
N2 NAG J . 9.40 38.11 22.80
O3 NAG J . 7.67 38.99 24.89
O4 NAG J . 5.09 37.68 24.95
O5 NAG J . 6.06 37.47 21.42
O6 NAG J . 3.71 38.67 21.55
O7 NAG J . 9.86 40.31 22.55
C1 NAG K . -4.96 30.29 25.09
C2 NAG K . -5.21 31.57 25.89
C3 NAG K . -6.45 32.34 25.46
C4 NAG K . -6.57 32.40 23.94
C5 NAG K . -6.40 31.00 23.36
C6 NAG K . -6.58 31.01 21.85
C7 NAG K . -4.45 31.72 28.21
C8 NAG K . -4.73 31.40 29.65
N2 NAG K . -5.31 31.24 27.32
O3 NAG K . -6.39 33.65 25.96
O4 NAG K . -7.82 32.94 23.57
O5 NAG K . -5.12 30.51 23.70
O6 NAG K . -5.81 32.05 21.30
O7 NAG K . -3.45 32.38 27.89
NA NA L . -25.93 -6.05 -1.08
C1 NAG M . -31.82 -0.33 -1.74
C2 NAG M . -33.13 -0.68 -2.42
C3 NAG M . -33.55 0.43 -3.38
C4 NAG M . -33.64 1.75 -2.62
C5 NAG M . -32.38 2.00 -1.79
C6 NAG M . -32.63 3.17 -0.84
C7 NAG M . -34.07 -2.82 -3.04
C8 NAG M . -34.06 -3.98 -3.99
N2 NAG M . -33.06 -1.96 -3.12
O3 NAG M . -34.81 0.15 -3.96
O4 NAG M . -33.81 2.80 -3.54
O5 NAG M . -31.99 0.88 -1.02
O6 NAG M . -33.60 2.83 0.12
O7 NAG M . -35.00 -2.70 -2.23
C1 NAG N . -28.11 13.91 -2.13
C2 NAG N . -29.61 14.06 -2.36
C3 NAG N . -30.34 14.74 -1.20
C4 NAG N . -29.87 14.19 0.15
C5 NAG N . -28.35 14.24 0.19
C6 NAG N . -27.83 13.75 1.54
C7 NAG N . -30.44 14.22 -4.64
C8 NAG N . -30.37 14.94 -5.95
N2 NAG N . -29.85 14.79 -3.59
O3 NAG N . -31.72 14.53 -1.32
O4 NAG N . -30.41 14.93 1.21
O5 NAG N . -27.84 13.42 -0.84
O6 NAG N . -28.32 12.46 1.77
O7 NAG N . -31.03 13.13 -4.56
NA NA O . 23.21 5.54 -1.09
C1 NAG P . 20.81 0.09 -6.81
C2 NAG P . 19.84 0.53 -7.90
C3 NAG P . 18.78 -0.53 -8.18
C4 NAG P . 19.45 -1.87 -8.46
C5 NAG P . 20.39 -2.21 -7.32
C6 NAG P . 21.10 -3.52 -7.60
C7 NAG P . 19.31 2.85 -8.38
C8 NAG P . 19.07 4.19 -7.76
N2 NAG P . 19.20 1.79 -7.57
O3 NAG P . 18.00 -0.17 -9.30
O4 NAG P . 18.47 -2.87 -8.62
O5 NAG P . 21.34 -1.19 -7.13
O6 NAG P . 21.80 -3.45 -8.82
O7 NAG P . 19.61 2.76 -9.57
C1 NAG Q . 21.24 -13.20 -3.20
C2 NAG Q . 20.73 -13.25 -4.64
C3 NAG Q . 21.63 -14.05 -5.60
C4 NAG Q . 23.11 -13.79 -5.34
C5 NAG Q . 23.40 -13.91 -3.85
C6 NAG Q . 24.89 -13.71 -3.56
C7 NAG Q . 18.31 -13.09 -4.78
C8 NAG Q . 17.00 -13.83 -4.77
N2 NAG Q . 19.40 -13.84 -4.65
O3 NAG Q . 21.33 -13.70 -6.93
O4 NAG Q . 23.88 -14.74 -6.05
O5 NAG Q . 22.63 -12.96 -3.14
O6 NAG Q . 25.31 -12.49 -4.14
O7 NAG Q . 18.34 -11.87 -4.91
NA NA R . -10.79 -33.12 -16.37
C1 NAG S . -7.44 -36.41 -23.06
C2 NAG S . -6.42 -37.50 -22.77
C3 NAG S . -5.29 -37.48 -23.80
C4 NAG S . -5.85 -37.50 -25.21
C5 NAG S . -6.95 -36.48 -25.40
C6 NAG S . -7.67 -36.71 -26.73
C7 NAG S . -5.92 -38.36 -20.54
C8 NAG S . -5.43 -38.04 -19.16
N2 NAG S . -5.87 -37.36 -21.42
O3 NAG S . -4.45 -38.60 -23.61
O4 NAG S . -4.81 -37.26 -26.13
O5 NAG S . -7.93 -36.54 -24.37
O6 NAG S . -8.29 -37.98 -26.71
O7 NAG S . -6.34 -39.49 -20.80
C1 NAG T . -6.26 -28.70 -35.28
C2 NAG T . -5.59 -30.07 -35.33
C3 NAG T . -6.34 -31.04 -36.24
C4 NAG T . -7.82 -31.03 -35.91
C5 NAG T . -8.34 -29.60 -35.98
C6 NAG T . -9.84 -29.55 -35.71
C7 NAG T . -3.19 -30.31 -34.98
C8 NAG T . -1.82 -30.01 -35.48
N2 NAG T . -4.21 -29.94 -35.77
O3 NAG T . -5.84 -32.35 -36.06
O4 NAG T . -8.53 -31.84 -36.82
O5 NAG T . -7.65 -28.79 -35.05
O6 NAG T . -10.12 -30.25 -34.51
O7 NAG T . -3.36 -30.84 -33.89
#